data_1BW7
# 
_entry.id   1BW7 
# 
_audit_conform.dict_name       mmcif_pdbx.dic 
_audit_conform.dict_version    5.390 
_audit_conform.dict_location   http://mmcif.pdb.org/dictionaries/ascii/mmcif_pdbx.dic 
# 
loop_
_database_2.database_id 
_database_2.database_code 
_database_2.pdbx_database_accession 
_database_2.pdbx_DOI 
PDB   1BW7         pdb_00001bw7 10.2210/pdb1bw7/pdb 
RCSB  RCSB008174   ?            ?                   
WWPDB D_1000008174 ?            ?                   
# 
loop_
_pdbx_audit_revision_history.ordinal 
_pdbx_audit_revision_history.data_content_type 
_pdbx_audit_revision_history.major_revision 
_pdbx_audit_revision_history.minor_revision 
_pdbx_audit_revision_history.revision_date 
1 'Structure model' 1 0 1998-10-07 
2 'Structure model' 1 1 2008-04-27 
3 'Structure model' 1 2 2011-07-13 
4 'Structure model' 1 3 2011-12-28 
5 'Structure model' 1 4 2024-04-10 
# 
_pdbx_audit_revision_details.ordinal             1 
_pdbx_audit_revision_details.revision_ordinal    1 
_pdbx_audit_revision_details.data_content_type   'Structure model' 
_pdbx_audit_revision_details.provider            repository 
_pdbx_audit_revision_details.type                'Initial release' 
_pdbx_audit_revision_details.description         ? 
_pdbx_audit_revision_details.details             ? 
# 
loop_
_pdbx_audit_revision_group.ordinal 
_pdbx_audit_revision_group.revision_ordinal 
_pdbx_audit_revision_group.data_content_type 
_pdbx_audit_revision_group.group 
1 2 'Structure model' 'Version format compliance' 
2 3 'Structure model' 'Version format compliance' 
3 4 'Structure model' Advisory                    
4 5 'Structure model' 'Data collection'           
5 5 'Structure model' 'Database references'       
6 5 'Structure model' 'Derived calculations'      
# 
loop_
_pdbx_audit_revision_category.ordinal 
_pdbx_audit_revision_category.revision_ordinal 
_pdbx_audit_revision_category.data_content_type 
_pdbx_audit_revision_category.category 
1 5 'Structure model' chem_comp_atom    
2 5 'Structure model' chem_comp_bond    
3 5 'Structure model' database_2        
4 5 'Structure model' pdbx_nmr_software 
5 5 'Structure model' struct_conn       
# 
loop_
_pdbx_audit_revision_item.ordinal 
_pdbx_audit_revision_item.revision_ordinal 
_pdbx_audit_revision_item.data_content_type 
_pdbx_audit_revision_item.item 
1 5 'Structure model' '_database_2.pdbx_DOI'                
2 5 'Structure model' '_database_2.pdbx_database_accession' 
3 5 'Structure model' '_pdbx_nmr_software.name'             
4 5 'Structure model' '_struct_conn.pdbx_leaving_atom_flag' 
# 
_database_PDB_caveat.id     1 
_database_PDB_caveat.text   
;THERE IS A CHIRALITY PROBLEM AROUND C1' OF RESIDUE G 12 IN CHAIN B
;
# 
_pdbx_database_status.status_code                     REL 
_pdbx_database_status.entry_id                        1BW7 
_pdbx_database_status.recvd_initial_deposition_date   1998-09-30 
_pdbx_database_status.deposit_site                    BNL 
_pdbx_database_status.process_site                    RCSB 
_pdbx_database_status.SG_entry                        . 
_pdbx_database_status.status_code_sf                  ? 
_pdbx_database_status.status_code_mr                  ? 
_pdbx_database_status.status_code_cs                  ? 
_pdbx_database_status.pdb_format_compatible           Y 
_pdbx_database_status.status_code_nmr_data            ? 
_pdbx_database_status.methods_development_category    ? 
# 
loop_
_audit_author.name 
_audit_author.pdbx_ordinal 
'Guckian, K.M.' 1 
'Krugh, T.R.'   2 
'Kool, E.T.'    3 
# 
_citation.id                        primary 
_citation.title                     'Solution structure of a DNA duplex containing a replicable difluorotoluene-adenine pair.' 
_citation.journal_abbrev            Nat.Struct.Biol. 
_citation.journal_volume            5 
_citation.page_first                954 
_citation.page_last                 959 
_citation.year                      1998 
_citation.journal_id_ASTM           NSBIEW 
_citation.country                   US 
_citation.journal_id_ISSN           1072-8368 
_citation.journal_id_CSD            2024 
_citation.book_publisher            ? 
_citation.pdbx_database_id_PubMed   9808039 
_citation.pdbx_database_id_DOI      10.1038/2930 
# 
loop_
_citation_author.citation_id 
_citation_author.name 
_citation_author.ordinal 
_citation_author.identifier_ORCID 
primary 'Guckian, K.M.' 1 ? 
primary 'Krugh, T.R.'   2 ? 
primary 'Kool, E.T.'    3 ? 
# 
loop_
_entity.id 
_entity.type 
_entity.src_method 
_entity.pdbx_description 
_entity.formula_weight 
_entity.pdbx_number_of_molecules 
_entity.pdbx_ec 
_entity.pdbx_mutation 
_entity.pdbx_fragment 
_entity.details 
1 polymer syn 
;DNA (5'-D(*CP*GP*CP*AP*TP*(DFT)P*GP*TP*TP*AP*CP*C)-3')
;
3615.372 1 ? ? ? 'DIFLUOROTOLUENE IS A NONPOLAR ISOSTERE FOR THYMINE' 
2 polymer syn 
;DNA (5'-D(*GP*GP*TP*AP*AP*CP*AP*AP*TP*GP*CP*G)-3')
;
3711.442 1 ? ? ? 'DIFLUOROTOLUENE IS A NONPOLAR ISOSTERE FOR THYMINE' 
# 
loop_
_entity_poly.entity_id 
_entity_poly.type 
_entity_poly.nstd_linkage 
_entity_poly.nstd_monomer 
_entity_poly.pdbx_seq_one_letter_code 
_entity_poly.pdbx_seq_one_letter_code_can 
_entity_poly.pdbx_strand_id 
_entity_poly.pdbx_target_identifier 
1 polydeoxyribonucleotide no yes '(DC)(DG)(DC)(DA)(DT)(DFT)(DG)(DT)(DT)(DA)(DC)(DC)' CGCATNGTTACC A ? 
2 polydeoxyribonucleotide no no  '(DG)(DG)(DT)(DA)(DA)(DC)(DA)(DA)(DT)(DG)(DC)(DG)'  GGTAACAATGCG B ? 
# 
loop_
_entity_poly_seq.entity_id 
_entity_poly_seq.num 
_entity_poly_seq.mon_id 
_entity_poly_seq.hetero 
1 1  DC  n 
1 2  DG  n 
1 3  DC  n 
1 4  DA  n 
1 5  DT  n 
1 6  DFT n 
1 7  DG  n 
1 8  DT  n 
1 9  DT  n 
1 10 DA  n 
1 11 DC  n 
1 12 DC  n 
2 1  DG  n 
2 2  DG  n 
2 3  DT  n 
2 4  DA  n 
2 5  DA  n 
2 6  DC  n 
2 7  DA  n 
2 8  DA  n 
2 9  DT  n 
2 10 DG  n 
2 11 DC  n 
2 12 DG  n 
# 
loop_
_chem_comp.id 
_chem_comp.type 
_chem_comp.mon_nstd_flag 
_chem_comp.name 
_chem_comp.pdbx_synonyms 
_chem_comp.formula 
_chem_comp.formula_weight 
DA  'DNA linking' y "2'-DEOXYADENOSINE-5'-MONOPHOSPHATE"                                     ? 'C10 H14 N5 O6 P' 331.222 
DC  'DNA linking' y "2'-DEOXYCYTIDINE-5'-MONOPHOSPHATE"                                      ? 'C9 H14 N3 O7 P'  307.197 
DFT 'DNA linking' . "1-[2-DEOXYRIBOFURANOSYL]-2,4-DIFLUORO-5-METHYL-BENZENE-5'MONOPHOSPHATE" ? 'C12 H15 F2 O6 P' 324.214 
DG  'DNA linking' y "2'-DEOXYGUANOSINE-5'-MONOPHOSPHATE"                                     ? 'C10 H14 N5 O7 P' 347.221 
DT  'DNA linking' y "THYMIDINE-5'-MONOPHOSPHATE"                                             ? 'C10 H15 N2 O8 P' 322.208 
# 
loop_
_pdbx_poly_seq_scheme.asym_id 
_pdbx_poly_seq_scheme.entity_id 
_pdbx_poly_seq_scheme.seq_id 
_pdbx_poly_seq_scheme.mon_id 
_pdbx_poly_seq_scheme.ndb_seq_num 
_pdbx_poly_seq_scheme.pdb_seq_num 
_pdbx_poly_seq_scheme.auth_seq_num 
_pdbx_poly_seq_scheme.pdb_mon_id 
_pdbx_poly_seq_scheme.auth_mon_id 
_pdbx_poly_seq_scheme.pdb_strand_id 
_pdbx_poly_seq_scheme.pdb_ins_code 
_pdbx_poly_seq_scheme.hetero 
A 1 1  DC  1  1  1  DC  C A . n 
A 1 2  DG  2  2  2  DG  G A . n 
A 1 3  DC  3  3  3  DC  C A . n 
A 1 4  DA  4  4  4  DA  A A . n 
A 1 5  DT  5  5  5  DT  T A . n 
A 1 6  DFT 6  6  6  DFT T A . n 
A 1 7  DG  7  7  7  DG  G A . n 
A 1 8  DT  8  8  8  DT  T A . n 
A 1 9  DT  9  9  9  DT  T A . n 
A 1 10 DA  10 10 10 DA  A A . n 
A 1 11 DC  11 11 11 DC  C A . n 
A 1 12 DC  12 12 12 DC  C A . n 
B 2 1  DG  1  1  1  DG  G B . n 
B 2 2  DG  2  2  2  DG  G B . n 
B 2 3  DT  3  3  3  DT  T B . n 
B 2 4  DA  4  4  4  DA  A B . n 
B 2 5  DA  5  5  5  DA  A B . n 
B 2 6  DC  6  6  6  DC  C B . n 
B 2 7  DA  7  7  7  DA  A B . n 
B 2 8  DA  8  8  8  DA  A B . n 
B 2 9  DT  9  9  9  DT  T B . n 
B 2 10 DG  10 10 10 DG  G B . n 
B 2 11 DC  11 11 11 DC  C B . n 
B 2 12 DG  12 12 12 DG  G B . n 
# 
_cell.entry_id           1BW7 
_cell.length_a           1.000 
_cell.length_b           1.000 
_cell.length_c           1.000 
_cell.angle_alpha        90.00 
_cell.angle_beta         90.00 
_cell.angle_gamma        90.00 
_cell.Z_PDB              1 
_cell.pdbx_unique_axis   ? 
# 
_symmetry.entry_id                         1BW7 
_symmetry.space_group_name_H-M             'P 1' 
_symmetry.pdbx_full_space_group_name_H-M   ? 
_symmetry.cell_setting                     ? 
_symmetry.Int_Tables_number                1 
# 
_exptl.entry_id          1BW7 
_exptl.method            'SOLUTION NMR' 
_exptl.crystals_number   ? 
# 
_struct.entry_id                  1BW7 
_struct.title                     'SOLUTION STRUCTURE OF A DNA DUPLEX CONTAINING A REPLICABLE DIFLUOROTOLUENE-ADENINE PAIR' 
_struct.pdbx_model_details        ? 
_struct.pdbx_CASP_flag            ? 
_struct.pdbx_model_type_details   ? 
# 
_struct_keywords.entry_id        1BW7 
_struct_keywords.pdbx_keywords   DNA 
_struct_keywords.text            'DNA, DIFLUOROTOLUENE' 
# 
loop_
_struct_asym.id 
_struct_asym.pdbx_blank_PDB_chainid_flag 
_struct_asym.pdbx_modified 
_struct_asym.entity_id 
_struct_asym.details 
A N N 1 ? 
B N N 2 ? 
# 
loop_
_struct_ref.id 
_struct_ref.entity_id 
_struct_ref.db_name 
_struct_ref.db_code 
_struct_ref.pdbx_db_accession 
_struct_ref.pdbx_align_begin 
_struct_ref.pdbx_seq_one_letter_code 
_struct_ref.pdbx_db_isoform 
1 1 PDB 1BW7 1BW7 ? ? ? 
2 2 PDB 1BW7 1BW7 ? ? ? 
# 
loop_
_struct_ref_seq.align_id 
_struct_ref_seq.ref_id 
_struct_ref_seq.pdbx_PDB_id_code 
_struct_ref_seq.pdbx_strand_id 
_struct_ref_seq.seq_align_beg 
_struct_ref_seq.pdbx_seq_align_beg_ins_code 
_struct_ref_seq.seq_align_end 
_struct_ref_seq.pdbx_seq_align_end_ins_code 
_struct_ref_seq.pdbx_db_accession 
_struct_ref_seq.db_align_beg 
_struct_ref_seq.pdbx_db_align_beg_ins_code 
_struct_ref_seq.db_align_end 
_struct_ref_seq.pdbx_db_align_end_ins_code 
_struct_ref_seq.pdbx_auth_seq_align_beg 
_struct_ref_seq.pdbx_auth_seq_align_end 
1 1 1BW7 A 1 ? 12 ? 1BW7 1 ? 12 ? 1 12 
2 2 1BW7 B 1 ? 12 ? 1BW7 1 ? 12 ? 1 12 
# 
_pdbx_struct_assembly.id                   1 
_pdbx_struct_assembly.details              author_defined_assembly 
_pdbx_struct_assembly.method_details       ? 
_pdbx_struct_assembly.oligomeric_details   dimeric 
_pdbx_struct_assembly.oligomeric_count     2 
# 
_pdbx_struct_assembly_gen.assembly_id       1 
_pdbx_struct_assembly_gen.oper_expression   1 
_pdbx_struct_assembly_gen.asym_id_list      A,B 
# 
_pdbx_struct_oper_list.id                   1 
_pdbx_struct_oper_list.type                 'identity operation' 
_pdbx_struct_oper_list.name                 1_555 
_pdbx_struct_oper_list.symmetry_operation   x,y,z 
_pdbx_struct_oper_list.matrix[1][1]         1.0000000000 
_pdbx_struct_oper_list.matrix[1][2]         0.0000000000 
_pdbx_struct_oper_list.matrix[1][3]         0.0000000000 
_pdbx_struct_oper_list.vector[1]            0.0000000000 
_pdbx_struct_oper_list.matrix[2][1]         0.0000000000 
_pdbx_struct_oper_list.matrix[2][2]         1.0000000000 
_pdbx_struct_oper_list.matrix[2][3]         0.0000000000 
_pdbx_struct_oper_list.vector[2]            0.0000000000 
_pdbx_struct_oper_list.matrix[3][1]         0.0000000000 
_pdbx_struct_oper_list.matrix[3][2]         0.0000000000 
_pdbx_struct_oper_list.matrix[3][3]         1.0000000000 
_pdbx_struct_oper_list.vector[3]            0.0000000000 
# 
_struct_biol.id        1 
_struct_biol.details   ? 
# 
loop_
_struct_conn.id 
_struct_conn.conn_type_id 
_struct_conn.pdbx_leaving_atom_flag 
_struct_conn.pdbx_PDB_id 
_struct_conn.ptnr1_label_asym_id 
_struct_conn.ptnr1_label_comp_id 
_struct_conn.ptnr1_label_seq_id 
_struct_conn.ptnr1_label_atom_id 
_struct_conn.pdbx_ptnr1_label_alt_id 
_struct_conn.pdbx_ptnr1_PDB_ins_code 
_struct_conn.pdbx_ptnr1_standard_comp_id 
_struct_conn.ptnr1_symmetry 
_struct_conn.ptnr2_label_asym_id 
_struct_conn.ptnr2_label_comp_id 
_struct_conn.ptnr2_label_seq_id 
_struct_conn.ptnr2_label_atom_id 
_struct_conn.pdbx_ptnr2_label_alt_id 
_struct_conn.pdbx_ptnr2_PDB_ins_code 
_struct_conn.ptnr1_auth_asym_id 
_struct_conn.ptnr1_auth_comp_id 
_struct_conn.ptnr1_auth_seq_id 
_struct_conn.ptnr2_auth_asym_id 
_struct_conn.ptnr2_auth_comp_id 
_struct_conn.ptnr2_auth_seq_id 
_struct_conn.ptnr2_symmetry 
_struct_conn.pdbx_ptnr3_label_atom_id 
_struct_conn.pdbx_ptnr3_label_seq_id 
_struct_conn.pdbx_ptnr3_label_comp_id 
_struct_conn.pdbx_ptnr3_label_asym_id 
_struct_conn.pdbx_ptnr3_label_alt_id 
_struct_conn.pdbx_ptnr3_PDB_ins_code 
_struct_conn.details 
_struct_conn.pdbx_dist_value 
_struct_conn.pdbx_value_order 
_struct_conn.pdbx_role 
covale1  covale both ? A DT  5  "O3'" ? ? ? 1_555 A DFT 6  P  ? ? A DT  5  A DFT 6  1_555 ? ? ? ? ? ? ?            1.612 ? ? 
covale2  covale both ? A DFT 6  "O3'" ? ? ? 1_555 A DG  7  P  ? ? A DFT 6  A DG  7  1_555 ? ? ? ? ? ? ?            1.622 ? ? 
hydrog1  hydrog ?    ? A DC  1  N3    ? ? ? 1_555 B DG  12 N1 ? ? A DC  1  B DG  12 1_555 ? ? ? ? ? ? WATSON-CRICK ?     ? ? 
hydrog2  hydrog ?    ? A DC  1  N4    ? ? ? 1_555 B DG  12 O6 ? ? A DC  1  B DG  12 1_555 ? ? ? ? ? ? WATSON-CRICK ?     ? ? 
hydrog3  hydrog ?    ? A DC  1  O2    ? ? ? 1_555 B DG  12 N2 ? ? A DC  1  B DG  12 1_555 ? ? ? ? ? ? WATSON-CRICK ?     ? ? 
hydrog4  hydrog ?    ? A DG  2  N1    ? ? ? 1_555 B DC  11 N3 ? ? A DG  2  B DC  11 1_555 ? ? ? ? ? ? WATSON-CRICK ?     ? ? 
hydrog5  hydrog ?    ? A DG  2  N2    ? ? ? 1_555 B DC  11 O2 ? ? A DG  2  B DC  11 1_555 ? ? ? ? ? ? WATSON-CRICK ?     ? ? 
hydrog6  hydrog ?    ? A DG  2  O6    ? ? ? 1_555 B DC  11 N4 ? ? A DG  2  B DC  11 1_555 ? ? ? ? ? ? WATSON-CRICK ?     ? ? 
hydrog7  hydrog ?    ? A DC  3  N3    ? ? ? 1_555 B DG  10 N1 ? ? A DC  3  B DG  10 1_555 ? ? ? ? ? ? WATSON-CRICK ?     ? ? 
hydrog8  hydrog ?    ? A DC  3  N4    ? ? ? 1_555 B DG  10 O6 ? ? A DC  3  B DG  10 1_555 ? ? ? ? ? ? WATSON-CRICK ?     ? ? 
hydrog9  hydrog ?    ? A DC  3  O2    ? ? ? 1_555 B DG  10 N2 ? ? A DC  3  B DG  10 1_555 ? ? ? ? ? ? WATSON-CRICK ?     ? ? 
hydrog10 hydrog ?    ? A DA  4  N1    ? ? ? 1_555 B DT  9  N3 ? ? A DA  4  B DT  9  1_555 ? ? ? ? ? ? WATSON-CRICK ?     ? ? 
hydrog11 hydrog ?    ? A DA  4  N6    ? ? ? 1_555 B DT  9  O4 ? ? A DA  4  B DT  9  1_555 ? ? ? ? ? ? WATSON-CRICK ?     ? ? 
hydrog12 hydrog ?    ? A DT  5  O4    ? ? ? 1_555 B DA  7  N6 ? ? A DT  5  B DA  7  1_555 ? ? ? ? ? ? 'DT-DA PAIR' ?     ? ? 
hydrog13 hydrog ?    ? A DT  5  N3    ? ? ? 1_555 B DA  8  N1 ? ? A DT  5  B DA  8  1_555 ? ? ? ? ? ? WATSON-CRICK ?     ? ? 
hydrog14 hydrog ?    ? A DT  5  O4    ? ? ? 1_555 B DA  8  N6 ? ? A DT  5  B DA  8  1_555 ? ? ? ? ? ? WATSON-CRICK ?     ? ? 
hydrog15 hydrog ?    ? A DG  7  N1    ? ? ? 1_555 B DC  6  N3 ? ? A DG  7  B DC  6  1_555 ? ? ? ? ? ? WATSON-CRICK ?     ? ? 
hydrog16 hydrog ?    ? A DG  7  N2    ? ? ? 1_555 B DC  6  O2 ? ? A DG  7  B DC  6  1_555 ? ? ? ? ? ? WATSON-CRICK ?     ? ? 
hydrog17 hydrog ?    ? A DG  7  O6    ? ? ? 1_555 B DC  6  N4 ? ? A DG  7  B DC  6  1_555 ? ? ? ? ? ? WATSON-CRICK ?     ? ? 
hydrog18 hydrog ?    ? A DT  8  N3    ? ? ? 1_555 B DA  5  N1 ? ? A DT  8  B DA  5  1_555 ? ? ? ? ? ? WATSON-CRICK ?     ? ? 
hydrog19 hydrog ?    ? A DT  8  O4    ? ? ? 1_555 B DA  5  N6 ? ? A DT  8  B DA  5  1_555 ? ? ? ? ? ? WATSON-CRICK ?     ? ? 
hydrog20 hydrog ?    ? A DT  9  N3    ? ? ? 1_555 B DA  4  N1 ? ? A DT  9  B DA  4  1_555 ? ? ? ? ? ? WATSON-CRICK ?     ? ? 
hydrog21 hydrog ?    ? A DT  9  O4    ? ? ? 1_555 B DA  4  N6 ? ? A DT  9  B DA  4  1_555 ? ? ? ? ? ? WATSON-CRICK ?     ? ? 
hydrog22 hydrog ?    ? A DA  10 N1    ? ? ? 1_555 B DT  3  N3 ? ? A DA  10 B DT  3  1_555 ? ? ? ? ? ? WATSON-CRICK ?     ? ? 
hydrog23 hydrog ?    ? A DA  10 N6    ? ? ? 1_555 B DT  3  O4 ? ? A DA  10 B DT  3  1_555 ? ? ? ? ? ? WATSON-CRICK ?     ? ? 
hydrog24 hydrog ?    ? A DC  11 N3    ? ? ? 1_555 B DG  2  N1 ? ? A DC  11 B DG  2  1_555 ? ? ? ? ? ? WATSON-CRICK ?     ? ? 
hydrog25 hydrog ?    ? A DC  11 N4    ? ? ? 1_555 B DG  2  O6 ? ? A DC  11 B DG  2  1_555 ? ? ? ? ? ? WATSON-CRICK ?     ? ? 
hydrog26 hydrog ?    ? A DC  11 O2    ? ? ? 1_555 B DG  2  N2 ? ? A DC  11 B DG  2  1_555 ? ? ? ? ? ? WATSON-CRICK ?     ? ? 
hydrog27 hydrog ?    ? A DC  12 N3    ? ? ? 1_555 B DG  1  N1 ? ? A DC  12 B DG  1  1_555 ? ? ? ? ? ? WATSON-CRICK ?     ? ? 
hydrog28 hydrog ?    ? A DC  12 N4    ? ? ? 1_555 B DG  1  O6 ? ? A DC  12 B DG  1  1_555 ? ? ? ? ? ? WATSON-CRICK ?     ? ? 
hydrog29 hydrog ?    ? A DC  12 O2    ? ? ? 1_555 B DG  1  N2 ? ? A DC  12 B DG  1  1_555 ? ? ? ? ? ? WATSON-CRICK ?     ? ? 
# 
loop_
_struct_conn_type.id 
_struct_conn_type.criteria 
_struct_conn_type.reference 
covale ? ? 
hydrog ? ? 
# 
loop_
_pdbx_validate_rmsd_bond.id 
_pdbx_validate_rmsd_bond.PDB_model_num 
_pdbx_validate_rmsd_bond.auth_atom_id_1 
_pdbx_validate_rmsd_bond.auth_asym_id_1 
_pdbx_validate_rmsd_bond.auth_comp_id_1 
_pdbx_validate_rmsd_bond.auth_seq_id_1 
_pdbx_validate_rmsd_bond.PDB_ins_code_1 
_pdbx_validate_rmsd_bond.label_alt_id_1 
_pdbx_validate_rmsd_bond.auth_atom_id_2 
_pdbx_validate_rmsd_bond.auth_asym_id_2 
_pdbx_validate_rmsd_bond.auth_comp_id_2 
_pdbx_validate_rmsd_bond.auth_seq_id_2 
_pdbx_validate_rmsd_bond.PDB_ins_code_2 
_pdbx_validate_rmsd_bond.label_alt_id_2 
_pdbx_validate_rmsd_bond.bond_value 
_pdbx_validate_rmsd_bond.bond_target_value 
_pdbx_validate_rmsd_bond.bond_deviation 
_pdbx_validate_rmsd_bond.bond_standard_deviation 
_pdbx_validate_rmsd_bond.linker_flag 
1 1 C5 A DT 5 ? ? C7 A DT 5 ? ? 1.539 1.496 0.043 0.006 N 
2 1 C5 A DT 8 ? ? C7 A DT 8 ? ? 1.543 1.496 0.047 0.006 N 
3 1 C5 A DT 9 ? ? C7 A DT 9 ? ? 1.543 1.496 0.047 0.006 N 
4 1 C5 B DT 3 ? ? C7 B DT 3 ? ? 1.538 1.496 0.042 0.006 N 
5 1 C5 B DT 9 ? ? C7 B DT 9 ? ? 1.540 1.496 0.044 0.006 N 
# 
loop_
_pdbx_validate_rmsd_angle.id 
_pdbx_validate_rmsd_angle.PDB_model_num 
_pdbx_validate_rmsd_angle.auth_atom_id_1 
_pdbx_validate_rmsd_angle.auth_asym_id_1 
_pdbx_validate_rmsd_angle.auth_comp_id_1 
_pdbx_validate_rmsd_angle.auth_seq_id_1 
_pdbx_validate_rmsd_angle.PDB_ins_code_1 
_pdbx_validate_rmsd_angle.label_alt_id_1 
_pdbx_validate_rmsd_angle.auth_atom_id_2 
_pdbx_validate_rmsd_angle.auth_asym_id_2 
_pdbx_validate_rmsd_angle.auth_comp_id_2 
_pdbx_validate_rmsd_angle.auth_seq_id_2 
_pdbx_validate_rmsd_angle.PDB_ins_code_2 
_pdbx_validate_rmsd_angle.label_alt_id_2 
_pdbx_validate_rmsd_angle.auth_atom_id_3 
_pdbx_validate_rmsd_angle.auth_asym_id_3 
_pdbx_validate_rmsd_angle.auth_comp_id_3 
_pdbx_validate_rmsd_angle.auth_seq_id_3 
_pdbx_validate_rmsd_angle.PDB_ins_code_3 
_pdbx_validate_rmsd_angle.label_alt_id_3 
_pdbx_validate_rmsd_angle.angle_value 
_pdbx_validate_rmsd_angle.angle_target_value 
_pdbx_validate_rmsd_angle.angle_deviation 
_pdbx_validate_rmsd_angle.angle_standard_deviation 
_pdbx_validate_rmsd_angle.linker_flag 
1  1 C5    A DG 2  ? ? C6    A DG 2  ? ? N1    A DG 2  ? ? 114.88 111.50 3.38  0.50 N 
2  1 N3    A DC 3  ? ? C4    A DC 3  ? ? C5    A DC 3  ? ? 124.31 121.90 2.41  0.40 N 
3  1 C4    A DA 4  ? ? C5    A DA 4  ? ? C6    A DA 4  ? ? 112.51 117.00 -4.49 0.50 N 
4  1 C5    A DA 4  ? ? C6    A DA 4  ? ? N1    A DA 4  ? ? 122.09 117.70 4.39  0.50 N 
5  1 N1    A DA 4  ? ? C6    A DA 4  ? ? N6    A DA 4  ? ? 113.70 118.60 -4.90 0.60 N 
6  1 N3    A DT 5  ? ? C2    A DT 5  ? ? O2    A DT 5  ? ? 118.36 122.30 -3.94 0.60 N 
7  1 C4    A DT 5  ? ? C5    A DT 5  ? ? C7    A DT 5  ? ? 122.68 119.00 3.68  0.60 N 
8  1 "O4'" A DG 7  ? ? "C1'" A DG 7  ? ? N9    A DG 7  ? ? 110.73 108.30 2.43  0.30 N 
9  1 C5    A DG 7  ? ? C6    A DG 7  ? ? N1    A DG 7  ? ? 114.88 111.50 3.38  0.50 N 
10 1 N3    A DT 8  ? ? C2    A DT 8  ? ? O2    A DT 8  ? ? 118.38 122.30 -3.92 0.60 N 
11 1 N3    A DT 9  ? ? C2    A DT 9  ? ? O2    A DT 9  ? ? 118.46 122.30 -3.84 0.60 N 
12 1 C6    A DT 9  ? ? C5    A DT 9  ? ? C7    A DT 9  ? ? 119.06 122.90 -3.84 0.60 N 
13 1 C4    A DA 10 ? ? C5    A DA 10 ? ? C6    A DA 10 ? ? 112.73 117.00 -4.27 0.50 N 
14 1 C5    A DA 10 ? ? C6    A DA 10 ? ? N1    A DA 10 ? ? 122.10 117.70 4.40  0.50 N 
15 1 N1    A DA 10 ? ? C6    A DA 10 ? ? N6    A DA 10 ? ? 113.94 118.60 -4.66 0.60 N 
16 1 "O5'" B DG 1  ? ? "C5'" B DG 1  ? ? "C4'" B DG 1  ? ? 132.45 111.00 21.45 2.50 N 
17 1 C5    B DG 1  ? ? C6    B DG 1  ? ? N1    B DG 1  ? ? 114.61 111.50 3.11  0.50 N 
18 1 C5    B DG 2  ? ? C6    B DG 2  ? ? N1    B DG 2  ? ? 114.73 111.50 3.23  0.50 N 
19 1 N3    B DT 3  ? ? C2    B DT 3  ? ? O2    B DT 3  ? ? 118.34 122.30 -3.96 0.60 N 
20 1 C4    B DA 4  ? ? C5    B DA 4  ? ? C6    B DA 4  ? ? 112.75 117.00 -4.25 0.50 N 
21 1 C5    B DA 4  ? ? C6    B DA 4  ? ? N1    B DA 4  ? ? 122.17 117.70 4.47  0.50 N 
22 1 N1    B DA 4  ? ? C6    B DA 4  ? ? N6    B DA 4  ? ? 113.92 118.60 -4.68 0.60 N 
23 1 C4    B DA 5  ? ? C5    B DA 5  ? ? C6    B DA 5  ? ? 112.86 117.00 -4.14 0.50 N 
24 1 C5    B DA 5  ? ? C6    B DA 5  ? ? N1    B DA 5  ? ? 122.16 117.70 4.46  0.50 N 
25 1 N1    B DA 5  ? ? C6    B DA 5  ? ? N6    B DA 5  ? ? 114.77 118.60 -3.83 0.60 N 
26 1 C4    B DA 7  ? ? C5    B DA 7  ? ? C6    B DA 7  ? ? 112.82 117.00 -4.18 0.50 N 
27 1 C5    B DA 7  ? ? C6    B DA 7  ? ? N1    B DA 7  ? ? 121.67 117.70 3.97  0.50 N 
28 1 N1    B DA 7  ? ? C6    B DA 7  ? ? N6    B DA 7  ? ? 113.94 118.60 -4.66 0.60 N 
29 1 C4    B DA 8  ? ? C5    B DA 8  ? ? C6    B DA 8  ? ? 112.90 117.00 -4.10 0.50 N 
30 1 C5    B DA 8  ? ? C6    B DA 8  ? ? N1    B DA 8  ? ? 121.81 117.70 4.11  0.50 N 
31 1 N1    B DA 8  ? ? C6    B DA 8  ? ? N6    B DA 8  ? ? 114.30 118.60 -4.30 0.60 N 
32 1 C4    B DT 9  ? ? C5    B DT 9  ? ? C7    B DT 9  ? ? 123.33 119.00 4.33  0.60 N 
33 1 C6    B DT 9  ? ? C5    B DT 9  ? ? C7    B DT 9  ? ? 118.07 122.90 -4.83 0.60 N 
34 1 C5    B DG 10 ? ? C6    B DG 10 ? ? N1    B DG 10 ? ? 114.90 111.50 3.40  0.50 N 
35 1 C5    B DG 12 ? ? C6    B DG 12 ? ? N1    B DG 12 ? ? 114.73 111.50 3.23  0.50 N 
# 
loop_
_pdbx_validate_planes.id 
_pdbx_validate_planes.PDB_model_num 
_pdbx_validate_planes.auth_comp_id 
_pdbx_validate_planes.auth_asym_id 
_pdbx_validate_planes.auth_seq_id 
_pdbx_validate_planes.PDB_ins_code 
_pdbx_validate_planes.label_alt_id 
_pdbx_validate_planes.rmsd 
_pdbx_validate_planes.type 
1 1 DG A 2  ? ? 0.053 'SIDE CHAIN' 
2 1 DA A 4  ? ? 0.082 'SIDE CHAIN' 
3 1 DG A 7  ? ? 0.088 'SIDE CHAIN' 
4 1 DC A 12 ? ? 0.080 'SIDE CHAIN' 
5 1 DG B 2  ? ? 0.065 'SIDE CHAIN' 
6 1 DT B 3  ? ? 0.068 'SIDE CHAIN' 
7 1 DG B 10 ? ? 0.069 'SIDE CHAIN' 
8 1 DC B 11 ? ? 0.072 'SIDE CHAIN' 
# 
_pdbx_nmr_ensemble.entry_id                                      1BW7 
_pdbx_nmr_ensemble.conformers_calculated_total_number            50 
_pdbx_nmr_ensemble.conformers_submitted_total_number             1 
_pdbx_nmr_ensemble.conformer_selection_criteria                  ? 
_pdbx_nmr_ensemble.average_constraints_per_residue               ? 
_pdbx_nmr_ensemble.average_constraint_violations_per_residue     ? 
_pdbx_nmr_ensemble.maximum_distance_constraint_violation         ? 
_pdbx_nmr_ensemble.average_distance_constraint_violation         ? 
_pdbx_nmr_ensemble.maximum_upper_distance_constraint_violation   ? 
_pdbx_nmr_ensemble.maximum_lower_distance_constraint_violation   ? 
_pdbx_nmr_ensemble.distance_constraint_violation_method          ? 
_pdbx_nmr_ensemble.maximum_torsion_angle_constraint_violation    ? 
_pdbx_nmr_ensemble.average_torsion_angle_constraint_violation    ? 
_pdbx_nmr_ensemble.torsion_angle_constraint_violation_method     ? 
# 
_pdbx_nmr_exptl_sample_conditions.conditions_id       1 
_pdbx_nmr_exptl_sample_conditions.temperature         293 
_pdbx_nmr_exptl_sample_conditions.pressure            ? 
_pdbx_nmr_exptl_sample_conditions.pH                  7.4 
_pdbx_nmr_exptl_sample_conditions.ionic_strength      '100mM NACL' 
_pdbx_nmr_exptl_sample_conditions.pressure_units      ? 
_pdbx_nmr_exptl_sample_conditions.temperature_units   K 
# 
_pdbx_nmr_exptl.experiment_id   1 
_pdbx_nmr_exptl.conditions_id   1 
_pdbx_nmr_exptl.type            'NOESY DQF-COSY NOESYWATERGATE' 
_pdbx_nmr_exptl.solution_id     1 
# 
_pdbx_nmr_details.entry_id   1BW7 
_pdbx_nmr_details.text       'MEAN STRUCTURE. NULL' 
# 
_pdbx_nmr_refine.entry_id           1BW7 
_pdbx_nmr_refine.method             'RESTRAINED MOLECULAR DYNAMICS' 
_pdbx_nmr_refine.details            'REFINEMENT DETAILS CAN BE FOUND IN THE JRNL CITATION ABOVE.' 
_pdbx_nmr_refine.software_ordinal   1 
# 
loop_
_pdbx_nmr_software.classification 
_pdbx_nmr_software.name 
_pdbx_nmr_software.version 
_pdbx_nmr_software.authors 
_pdbx_nmr_software.ordinal 
refinement           'Insight II' DISCOVER MSI 1 
'structure solution' 'Insight II' ?        ?   2 
# 
loop_
_chem_comp_atom.comp_id 
_chem_comp_atom.atom_id 
_chem_comp_atom.type_symbol 
_chem_comp_atom.pdbx_aromatic_flag 
_chem_comp_atom.pdbx_stereo_config 
_chem_comp_atom.pdbx_ordinal 
DA  OP3    O N N 1   
DA  P      P N N 2   
DA  OP1    O N N 3   
DA  OP2    O N N 4   
DA  "O5'"  O N N 5   
DA  "C5'"  C N N 6   
DA  "C4'"  C N R 7   
DA  "O4'"  O N N 8   
DA  "C3'"  C N S 9   
DA  "O3'"  O N N 10  
DA  "C2'"  C N N 11  
DA  "C1'"  C N R 12  
DA  N9     N Y N 13  
DA  C8     C Y N 14  
DA  N7     N Y N 15  
DA  C5     C Y N 16  
DA  C6     C Y N 17  
DA  N6     N N N 18  
DA  N1     N Y N 19  
DA  C2     C Y N 20  
DA  N3     N Y N 21  
DA  C4     C Y N 22  
DA  HOP3   H N N 23  
DA  HOP2   H N N 24  
DA  "H5'"  H N N 25  
DA  "H5''" H N N 26  
DA  "H4'"  H N N 27  
DA  "H3'"  H N N 28  
DA  "HO3'" H N N 29  
DA  "H2'"  H N N 30  
DA  "H2''" H N N 31  
DA  "H1'"  H N N 32  
DA  H8     H N N 33  
DA  H61    H N N 34  
DA  H62    H N N 35  
DA  H2     H N N 36  
DC  OP3    O N N 37  
DC  P      P N N 38  
DC  OP1    O N N 39  
DC  OP2    O N N 40  
DC  "O5'"  O N N 41  
DC  "C5'"  C N N 42  
DC  "C4'"  C N R 43  
DC  "O4'"  O N N 44  
DC  "C3'"  C N S 45  
DC  "O3'"  O N N 46  
DC  "C2'"  C N N 47  
DC  "C1'"  C N R 48  
DC  N1     N N N 49  
DC  C2     C N N 50  
DC  O2     O N N 51  
DC  N3     N N N 52  
DC  C4     C N N 53  
DC  N4     N N N 54  
DC  C5     C N N 55  
DC  C6     C N N 56  
DC  HOP3   H N N 57  
DC  HOP2   H N N 58  
DC  "H5'"  H N N 59  
DC  "H5''" H N N 60  
DC  "H4'"  H N N 61  
DC  "H3'"  H N N 62  
DC  "HO3'" H N N 63  
DC  "H2'"  H N N 64  
DC  "H2''" H N N 65  
DC  "H1'"  H N N 66  
DC  H41    H N N 67  
DC  H42    H N N 68  
DC  H5     H N N 69  
DC  H6     H N N 70  
DFT P      P N N 71  
DFT OP1    O N N 72  
DFT OP2    O N N 73  
DFT OP3    O N N 74  
DFT "O5'"  O N N 75  
DFT "C5'"  C N N 76  
DFT "C4'"  C N R 77  
DFT "O4'"  O N N 78  
DFT "C3'"  C N S 79  
DFT "O3'"  O N N 80  
DFT "C2'"  C N N 81  
DFT "C1'"  C N R 82  
DFT C2     C Y N 83  
DFT C4     C Y N 84  
DFT C5     C Y N 85  
DFT C5M    C N N 86  
DFT C6     C Y N 87  
DFT F4     F N N 88  
DFT C3     C Y N 89  
DFT F2     F N N 90  
DFT C1     C Y N 91  
DFT HOP2   H N N 92  
DFT HOP3   H N N 93  
DFT "H5'"  H N N 94  
DFT "H5''" H N N 95  
DFT "H4'"  H N N 96  
DFT "H3'"  H N N 97  
DFT "HO3'" H N N 98  
DFT "H2'"  H N N 99  
DFT "H2''" H N N 100 
DFT "H1'"  H N N 101 
DFT H71    H N N 102 
DFT H72    H N N 103 
DFT H73    H N N 104 
DFT H6     H N N 105 
DFT H3     H N N 106 
DG  OP3    O N N 107 
DG  P      P N N 108 
DG  OP1    O N N 109 
DG  OP2    O N N 110 
DG  "O5'"  O N N 111 
DG  "C5'"  C N N 112 
DG  "C4'"  C N R 113 
DG  "O4'"  O N N 114 
DG  "C3'"  C N S 115 
DG  "O3'"  O N N 116 
DG  "C2'"  C N N 117 
DG  "C1'"  C N R 118 
DG  N9     N Y N 119 
DG  C8     C Y N 120 
DG  N7     N Y N 121 
DG  C5     C Y N 122 
DG  C6     C N N 123 
DG  O6     O N N 124 
DG  N1     N N N 125 
DG  C2     C N N 126 
DG  N2     N N N 127 
DG  N3     N N N 128 
DG  C4     C Y N 129 
DG  HOP3   H N N 130 
DG  HOP2   H N N 131 
DG  "H5'"  H N N 132 
DG  "H5''" H N N 133 
DG  "H4'"  H N N 134 
DG  "H3'"  H N N 135 
DG  "HO3'" H N N 136 
DG  "H2'"  H N N 137 
DG  "H2''" H N N 138 
DG  "H1'"  H N N 139 
DG  H8     H N N 140 
DG  H1     H N N 141 
DG  H21    H N N 142 
DG  H22    H N N 143 
DT  OP3    O N N 144 
DT  P      P N N 145 
DT  OP1    O N N 146 
DT  OP2    O N N 147 
DT  "O5'"  O N N 148 
DT  "C5'"  C N N 149 
DT  "C4'"  C N R 150 
DT  "O4'"  O N N 151 
DT  "C3'"  C N S 152 
DT  "O3'"  O N N 153 
DT  "C2'"  C N N 154 
DT  "C1'"  C N R 155 
DT  N1     N N N 156 
DT  C2     C N N 157 
DT  O2     O N N 158 
DT  N3     N N N 159 
DT  C4     C N N 160 
DT  O4     O N N 161 
DT  C5     C N N 162 
DT  C7     C N N 163 
DT  C6     C N N 164 
DT  HOP3   H N N 165 
DT  HOP2   H N N 166 
DT  "H5'"  H N N 167 
DT  "H5''" H N N 168 
DT  "H4'"  H N N 169 
DT  "H3'"  H N N 170 
DT  "HO3'" H N N 171 
DT  "H2'"  H N N 172 
DT  "H2''" H N N 173 
DT  "H1'"  H N N 174 
DT  H3     H N N 175 
DT  H71    H N N 176 
DT  H72    H N N 177 
DT  H73    H N N 178 
DT  H6     H N N 179 
# 
loop_
_chem_comp_bond.comp_id 
_chem_comp_bond.atom_id_1 
_chem_comp_bond.atom_id_2 
_chem_comp_bond.value_order 
_chem_comp_bond.pdbx_aromatic_flag 
_chem_comp_bond.pdbx_stereo_config 
_chem_comp_bond.pdbx_ordinal 
DA  OP3   P      sing N N 1   
DA  OP3   HOP3   sing N N 2   
DA  P     OP1    doub N N 3   
DA  P     OP2    sing N N 4   
DA  P     "O5'"  sing N N 5   
DA  OP2   HOP2   sing N N 6   
DA  "O5'" "C5'"  sing N N 7   
DA  "C5'" "C4'"  sing N N 8   
DA  "C5'" "H5'"  sing N N 9   
DA  "C5'" "H5''" sing N N 10  
DA  "C4'" "O4'"  sing N N 11  
DA  "C4'" "C3'"  sing N N 12  
DA  "C4'" "H4'"  sing N N 13  
DA  "O4'" "C1'"  sing N N 14  
DA  "C3'" "O3'"  sing N N 15  
DA  "C3'" "C2'"  sing N N 16  
DA  "C3'" "H3'"  sing N N 17  
DA  "O3'" "HO3'" sing N N 18  
DA  "C2'" "C1'"  sing N N 19  
DA  "C2'" "H2'"  sing N N 20  
DA  "C2'" "H2''" sing N N 21  
DA  "C1'" N9     sing N N 22  
DA  "C1'" "H1'"  sing N N 23  
DA  N9    C8     sing Y N 24  
DA  N9    C4     sing Y N 25  
DA  C8    N7     doub Y N 26  
DA  C8    H8     sing N N 27  
DA  N7    C5     sing Y N 28  
DA  C5    C6     sing Y N 29  
DA  C5    C4     doub Y N 30  
DA  C6    N6     sing N N 31  
DA  C6    N1     doub Y N 32  
DA  N6    H61    sing N N 33  
DA  N6    H62    sing N N 34  
DA  N1    C2     sing Y N 35  
DA  C2    N3     doub Y N 36  
DA  C2    H2     sing N N 37  
DA  N3    C4     sing Y N 38  
DC  OP3   P      sing N N 39  
DC  OP3   HOP3   sing N N 40  
DC  P     OP1    doub N N 41  
DC  P     OP2    sing N N 42  
DC  P     "O5'"  sing N N 43  
DC  OP2   HOP2   sing N N 44  
DC  "O5'" "C5'"  sing N N 45  
DC  "C5'" "C4'"  sing N N 46  
DC  "C5'" "H5'"  sing N N 47  
DC  "C5'" "H5''" sing N N 48  
DC  "C4'" "O4'"  sing N N 49  
DC  "C4'" "C3'"  sing N N 50  
DC  "C4'" "H4'"  sing N N 51  
DC  "O4'" "C1'"  sing N N 52  
DC  "C3'" "O3'"  sing N N 53  
DC  "C3'" "C2'"  sing N N 54  
DC  "C3'" "H3'"  sing N N 55  
DC  "O3'" "HO3'" sing N N 56  
DC  "C2'" "C1'"  sing N N 57  
DC  "C2'" "H2'"  sing N N 58  
DC  "C2'" "H2''" sing N N 59  
DC  "C1'" N1     sing N N 60  
DC  "C1'" "H1'"  sing N N 61  
DC  N1    C2     sing N N 62  
DC  N1    C6     sing N N 63  
DC  C2    O2     doub N N 64  
DC  C2    N3     sing N N 65  
DC  N3    C4     doub N N 66  
DC  C4    N4     sing N N 67  
DC  C4    C5     sing N N 68  
DC  N4    H41    sing N N 69  
DC  N4    H42    sing N N 70  
DC  C5    C6     doub N N 71  
DC  C5    H5     sing N N 72  
DC  C6    H6     sing N N 73  
DFT P     OP1    doub N N 74  
DFT P     OP2    sing N N 75  
DFT P     OP3    sing N N 76  
DFT P     "O5'"  sing N N 77  
DFT OP2   HOP2   sing N N 78  
DFT OP3   HOP3   sing N N 79  
DFT "O5'" "C5'"  sing N N 80  
DFT "C5'" "C4'"  sing N N 81  
DFT "C5'" "H5'"  sing N N 82  
DFT "C5'" "H5''" sing N N 83  
DFT "C4'" "O4'"  sing N N 84  
DFT "C4'" "C3'"  sing N N 85  
DFT "C4'" "H4'"  sing N N 86  
DFT "O4'" "C1'"  sing N N 87  
DFT "C3'" "O3'"  sing N N 88  
DFT "C3'" "C2'"  sing N N 89  
DFT "C3'" "H3'"  sing N N 90  
DFT "O3'" "HO3'" sing N N 91  
DFT "C2'" "C1'"  sing N N 92  
DFT "C2'" "H2'"  sing N N 93  
DFT "C2'" "H2''" sing N N 94  
DFT "C1'" C1     sing N N 95  
DFT "C1'" "H1'"  sing N N 96  
DFT C2    C3     doub Y N 97  
DFT C2    F2     sing N N 98  
DFT C2    C1     sing Y N 99  
DFT C4    C5     doub Y N 100 
DFT C4    F4     sing N N 101 
DFT C4    C3     sing Y N 102 
DFT C5    C5M    sing N N 103 
DFT C5    C6     sing Y N 104 
DFT C5M   H71    sing N N 105 
DFT C5M   H72    sing N N 106 
DFT C5M   H73    sing N N 107 
DFT C6    C1     doub Y N 108 
DFT C6    H6     sing N N 109 
DFT C3    H3     sing N N 110 
DG  OP3   P      sing N N 111 
DG  OP3   HOP3   sing N N 112 
DG  P     OP1    doub N N 113 
DG  P     OP2    sing N N 114 
DG  P     "O5'"  sing N N 115 
DG  OP2   HOP2   sing N N 116 
DG  "O5'" "C5'"  sing N N 117 
DG  "C5'" "C4'"  sing N N 118 
DG  "C5'" "H5'"  sing N N 119 
DG  "C5'" "H5''" sing N N 120 
DG  "C4'" "O4'"  sing N N 121 
DG  "C4'" "C3'"  sing N N 122 
DG  "C4'" "H4'"  sing N N 123 
DG  "O4'" "C1'"  sing N N 124 
DG  "C3'" "O3'"  sing N N 125 
DG  "C3'" "C2'"  sing N N 126 
DG  "C3'" "H3'"  sing N N 127 
DG  "O3'" "HO3'" sing N N 128 
DG  "C2'" "C1'"  sing N N 129 
DG  "C2'" "H2'"  sing N N 130 
DG  "C2'" "H2''" sing N N 131 
DG  "C1'" N9     sing N N 132 
DG  "C1'" "H1'"  sing N N 133 
DG  N9    C8     sing Y N 134 
DG  N9    C4     sing Y N 135 
DG  C8    N7     doub Y N 136 
DG  C8    H8     sing N N 137 
DG  N7    C5     sing Y N 138 
DG  C5    C6     sing N N 139 
DG  C5    C4     doub Y N 140 
DG  C6    O6     doub N N 141 
DG  C6    N1     sing N N 142 
DG  N1    C2     sing N N 143 
DG  N1    H1     sing N N 144 
DG  C2    N2     sing N N 145 
DG  C2    N3     doub N N 146 
DG  N2    H21    sing N N 147 
DG  N2    H22    sing N N 148 
DG  N3    C4     sing N N 149 
DT  OP3   P      sing N N 150 
DT  OP3   HOP3   sing N N 151 
DT  P     OP1    doub N N 152 
DT  P     OP2    sing N N 153 
DT  P     "O5'"  sing N N 154 
DT  OP2   HOP2   sing N N 155 
DT  "O5'" "C5'"  sing N N 156 
DT  "C5'" "C4'"  sing N N 157 
DT  "C5'" "H5'"  sing N N 158 
DT  "C5'" "H5''" sing N N 159 
DT  "C4'" "O4'"  sing N N 160 
DT  "C4'" "C3'"  sing N N 161 
DT  "C4'" "H4'"  sing N N 162 
DT  "O4'" "C1'"  sing N N 163 
DT  "C3'" "O3'"  sing N N 164 
DT  "C3'" "C2'"  sing N N 165 
DT  "C3'" "H3'"  sing N N 166 
DT  "O3'" "HO3'" sing N N 167 
DT  "C2'" "C1'"  sing N N 168 
DT  "C2'" "H2'"  sing N N 169 
DT  "C2'" "H2''" sing N N 170 
DT  "C1'" N1     sing N N 171 
DT  "C1'" "H1'"  sing N N 172 
DT  N1    C2     sing N N 173 
DT  N1    C6     sing N N 174 
DT  C2    O2     doub N N 175 
DT  C2    N3     sing N N 176 
DT  N3    C4     sing N N 177 
DT  N3    H3     sing N N 178 
DT  C4    O4     doub N N 179 
DT  C4    C5     sing N N 180 
DT  C5    C7     sing N N 181 
DT  C5    C6     doub N N 182 
DT  C7    H71    sing N N 183 
DT  C7    H72    sing N N 184 
DT  C7    H73    sing N N 185 
DT  C6    H6     sing N N 186 
# 
loop_
_ndb_struct_conf_na.entry_id 
_ndb_struct_conf_na.feature 
1BW7 'double helix'        
1BW7 'b-form double helix' 
1BW7 'bulge loop'          
# 
loop_
_ndb_struct_na_base_pair.model_number 
_ndb_struct_na_base_pair.i_label_asym_id 
_ndb_struct_na_base_pair.i_label_comp_id 
_ndb_struct_na_base_pair.i_label_seq_id 
_ndb_struct_na_base_pair.i_symmetry 
_ndb_struct_na_base_pair.j_label_asym_id 
_ndb_struct_na_base_pair.j_label_comp_id 
_ndb_struct_na_base_pair.j_label_seq_id 
_ndb_struct_na_base_pair.j_symmetry 
_ndb_struct_na_base_pair.shear 
_ndb_struct_na_base_pair.stretch 
_ndb_struct_na_base_pair.stagger 
_ndb_struct_na_base_pair.buckle 
_ndb_struct_na_base_pair.propeller 
_ndb_struct_na_base_pair.opening 
_ndb_struct_na_base_pair.pair_number 
_ndb_struct_na_base_pair.pair_name 
_ndb_struct_na_base_pair.i_auth_asym_id 
_ndb_struct_na_base_pair.i_auth_seq_id 
_ndb_struct_na_base_pair.i_PDB_ins_code 
_ndb_struct_na_base_pair.j_auth_asym_id 
_ndb_struct_na_base_pair.j_auth_seq_id 
_ndb_struct_na_base_pair.j_PDB_ins_code 
_ndb_struct_na_base_pair.hbond_type_28 
_ndb_struct_na_base_pair.hbond_type_12 
1 A DC 1  1_555 B DG 12 1_555 0.267  -0.215 0.458  -4.151  -12.711 -1.433 1  A_DC1:DG12_B A 1  ? B 12 ? 19 1 
1 A DG 2  1_555 B DC 11 1_555 -0.371 -0.220 0.456  6.159   -5.916  -1.302 2  A_DG2:DC11_B A 2  ? B 11 ? 19 1 
1 A DC 3  1_555 B DG 10 1_555 0.490  -0.262 0.370  -0.618  -11.025 -1.273 3  A_DC3:DG10_B A 3  ? B 10 ? 19 1 
1 A DA 4  1_555 B DT 9  1_555 0.205  -0.091 0.293  -0.669  -11.060 -0.863 4  A_DA4:DT9_B  A 4  ? B 9  ? 20 1 
1 A DT 5  1_555 B DA 8  1_555 -0.256 -0.172 0.535  -7.915  -17.723 -4.343 5  A_DT5:DA8_B  A 5  ? B 8  ? 20 1 
1 A DG 7  1_555 B DC 6  1_555 -0.519 -0.255 0.343  2.292   -6.879  -0.791 6  A_DG7:DC6_B  A 7  ? B 6  ? 19 1 
1 A DT 8  1_555 B DA 5  1_555 -0.121 -0.141 0.425  8.337   -10.581 -3.221 7  A_DT8:DA5_B  A 8  ? B 5  ? 20 1 
1 A DT 9  1_555 B DA 4  1_555 -0.058 -0.104 -0.176 7.340   -14.018 -1.236 8  A_DT9:DA4_B  A 9  ? B 4  ? 20 1 
1 A DA 10 1_555 B DT 3  1_555 0.116  -0.125 0.231  1.846   -7.837  -2.691 9  A_DA10:DT3_B A 10 ? B 3  ? 20 1 
1 A DC 11 1_555 B DG 2  1_555 0.172  -0.177 0.054  4.496   -12.951 -0.872 10 A_DC11:DG2_B A 11 ? B 2  ? 19 1 
1 A DC 12 1_555 B DG 1  1_555 0.515  -0.336 0.828  -12.668 -12.823 -2.835 11 A_DC12:DG1_B A 12 ? B 1  ? 19 1 
# 
loop_
_ndb_struct_na_base_pair_step.model_number 
_ndb_struct_na_base_pair_step.i_label_asym_id_1 
_ndb_struct_na_base_pair_step.i_label_comp_id_1 
_ndb_struct_na_base_pair_step.i_label_seq_id_1 
_ndb_struct_na_base_pair_step.i_symmetry_1 
_ndb_struct_na_base_pair_step.j_label_asym_id_1 
_ndb_struct_na_base_pair_step.j_label_comp_id_1 
_ndb_struct_na_base_pair_step.j_label_seq_id_1 
_ndb_struct_na_base_pair_step.j_symmetry_1 
_ndb_struct_na_base_pair_step.i_label_asym_id_2 
_ndb_struct_na_base_pair_step.i_label_comp_id_2 
_ndb_struct_na_base_pair_step.i_label_seq_id_2 
_ndb_struct_na_base_pair_step.i_symmetry_2 
_ndb_struct_na_base_pair_step.j_label_asym_id_2 
_ndb_struct_na_base_pair_step.j_label_comp_id_2 
_ndb_struct_na_base_pair_step.j_label_seq_id_2 
_ndb_struct_na_base_pair_step.j_symmetry_2 
_ndb_struct_na_base_pair_step.shift 
_ndb_struct_na_base_pair_step.slide 
_ndb_struct_na_base_pair_step.rise 
_ndb_struct_na_base_pair_step.tilt 
_ndb_struct_na_base_pair_step.roll 
_ndb_struct_na_base_pair_step.twist 
_ndb_struct_na_base_pair_step.x_displacement 
_ndb_struct_na_base_pair_step.y_displacement 
_ndb_struct_na_base_pair_step.helical_rise 
_ndb_struct_na_base_pair_step.inclination 
_ndb_struct_na_base_pair_step.tip 
_ndb_struct_na_base_pair_step.helical_twist 
_ndb_struct_na_base_pair_step.step_number 
_ndb_struct_na_base_pair_step.step_name 
_ndb_struct_na_base_pair_step.i_auth_asym_id_1 
_ndb_struct_na_base_pair_step.i_auth_seq_id_1 
_ndb_struct_na_base_pair_step.i_PDB_ins_code_1 
_ndb_struct_na_base_pair_step.j_auth_asym_id_1 
_ndb_struct_na_base_pair_step.j_auth_seq_id_1 
_ndb_struct_na_base_pair_step.j_PDB_ins_code_1 
_ndb_struct_na_base_pair_step.i_auth_asym_id_2 
_ndb_struct_na_base_pair_step.i_auth_seq_id_2 
_ndb_struct_na_base_pair_step.i_PDB_ins_code_2 
_ndb_struct_na_base_pair_step.j_auth_asym_id_2 
_ndb_struct_na_base_pair_step.j_auth_seq_id_2 
_ndb_struct_na_base_pair_step.j_PDB_ins_code_2 
1 A DC 1  1_555 B DG 12 1_555 A DG 2  1_555 B DC 11 1_555 0.016  -0.817 2.644 0.836  8.258  28.927 -2.886 0.102  2.327 16.118 
-1.632 30.070 1  AA_DC1DG2:DC11DG12_BB A 1  ? B 12 ? A 2  ? B 11 ? 
1 A DG 2  1_555 B DC 11 1_555 A DC 3  1_555 B DG 10 1_555 0.030  -0.424 3.299 1.512  -1.364 44.616 -0.432 0.100  3.309 -1.796 
-1.990 44.660 2  AA_DG2DC3:DG10DC11_BB A 2  ? B 11 ? A 3  ? B 10 ? 
1 A DC 3  1_555 B DG 10 1_555 A DA 4  1_555 B DT 9  1_555 -0.252 -1.054 2.859 -0.278 6.467  34.022 -2.613 0.387  2.622 10.930 
0.470  34.615 3  AA_DC3DA4:DT9DG10_BB  A 3  ? B 10 ? A 4  ? B 9  ? 
1 A DA 4  1_555 B DT 9  1_555 A DT 5  1_555 B DA 8  1_555 -0.392 -1.049 3.283 -1.108 -4.478 34.887 -1.051 0.479  3.398 -7.429 
1.837  35.181 4  AA_DA4DT5:DA8DT9_BB   A 4  ? B 9  ? A 5  ? B 8  ? 
1 A DT 5  1_555 B DA 8  1_555 A DG 7  1_555 B DC 6  1_555 0.976  -1.729 5.663 3.754  5.657  68.530 -1.889 -0.625 5.563 5.011  
-3.325 68.825 5  AA_DT5DG7:DC6DA8_BB   A 5  ? B 8  ? A 7  ? B 6  ? 
1 A DG 7  1_555 B DC 6  1_555 A DT 8  1_555 B DA 5  1_555 -0.591 -0.366 3.053 -2.435 -1.762 37.358 -0.352 0.619  3.098 -2.745 
3.794  37.474 6  AA_DG7DT8:DA5DC6_BB   A 7  ? B 6  ? A 8  ? B 5  ? 
1 A DT 8  1_555 B DA 5  1_555 A DT 9  1_555 B DA 4  1_555 0.222  -0.533 2.958 5.861  1.309  40.361 -0.896 0.267  2.942 1.884  
-8.438 40.787 7  AA_DT8DT9:DA4DA5_BB   A 8  ? B 5  ? A 9  ? B 4  ? 
1 A DT 9  1_555 B DA 4  1_555 A DA 10 1_555 B DT 3  1_555 0.141  -1.096 3.021 -2.994 13.052 31.684 -3.617 -0.642 2.376 22.680 
5.203  34.331 8  AA_DT9DA10:DT3DA4_BB  A 9  ? B 4  ? A 10 ? B 3  ? 
1 A DA 10 1_555 B DT 3  1_555 A DC 11 1_555 B DG 2  1_555 -0.178 -0.308 3.011 0.678  -2.857 38.372 -0.140 0.347  3.022 -4.339 
-1.030 38.480 9  AA_DA10DC11:DG2DT3_BB A 10 ? B 3  ? A 11 ? B 2  ? 
1 A DC 11 1_555 B DG 2  1_555 A DC 12 1_555 B DG 1  1_555 0.697  -1.141 3.478 -5.898 -0.904 41.038 -1.511 -1.647 3.374 -1.282 
8.360  41.451 10 AA_DC11DC12:DG1DG2_BB A 11 ? B 2  ? A 12 ? B 1  ? 
# 
_pdbx_nmr_spectrometer.spectrometer_id   1 
_pdbx_nmr_spectrometer.model             UNITY 
_pdbx_nmr_spectrometer.manufacturer      Varian 
_pdbx_nmr_spectrometer.field_strength    500 
_pdbx_nmr_spectrometer.type              ? 
# 
_atom_sites.entry_id                    1BW7 
_atom_sites.fract_transf_matrix[1][1]   1.000000 
_atom_sites.fract_transf_matrix[1][2]   0.000000 
_atom_sites.fract_transf_matrix[1][3]   0.000000 
_atom_sites.fract_transf_matrix[2][1]   0.000000 
_atom_sites.fract_transf_matrix[2][2]   1.000000 
_atom_sites.fract_transf_matrix[2][3]   0.000000 
_atom_sites.fract_transf_matrix[3][1]   0.000000 
_atom_sites.fract_transf_matrix[3][2]   0.000000 
_atom_sites.fract_transf_matrix[3][3]   1.000000 
_atom_sites.fract_transf_vector[1]      0.00000 
_atom_sites.fract_transf_vector[2]      0.00000 
_atom_sites.fract_transf_vector[3]      0.00000 
# 
loop_
_atom_type.symbol 
C 
F 
H 
N 
O 
P 
# 
loop_
_atom_site.group_PDB 
_atom_site.id 
_atom_site.type_symbol 
_atom_site.label_atom_id 
_atom_site.label_alt_id 
_atom_site.label_comp_id 
_atom_site.label_asym_id 
_atom_site.label_entity_id 
_atom_site.label_seq_id 
_atom_site.pdbx_PDB_ins_code 
_atom_site.Cartn_x 
_atom_site.Cartn_y 
_atom_site.Cartn_z 
_atom_site.occupancy 
_atom_site.B_iso_or_equiv 
_atom_site.pdbx_formal_charge 
_atom_site.auth_seq_id 
_atom_site.auth_comp_id 
_atom_site.auth_asym_id 
_atom_site.auth_atom_id 
_atom_site.pdbx_PDB_model_num 
ATOM   1   O "O5'"  . DC  A 1 1  ? -10.326 0.418   -18.696 1.00 0.00 ? 1  DC  A "O5'"  1 
ATOM   2   C "C5'"  . DC  A 1 1  ? -9.503  0.493   -17.539 1.00 0.00 ? 1  DC  A "C5'"  1 
ATOM   3   C "C4'"  . DC  A 1 1  ? -8.230  1.381   -17.521 1.00 0.00 ? 1  DC  A "C4'"  1 
ATOM   4   O "O4'"  . DC  A 1 1  ? -8.500  2.508   -16.696 1.00 0.00 ? 1  DC  A "O4'"  1 
ATOM   5   C "C3'"  . DC  A 1 1  ? -7.090  0.622   -16.806 1.00 0.00 ? 1  DC  A "C3'"  1 
ATOM   6   O "O3'"  . DC  A 1 1  ? -6.032  0.357   -17.697 1.00 0.00 ? 1  DC  A "O3'"  1 
ATOM   7   C "C2'"  . DC  A 1 1  ? -6.679  1.534   -15.658 1.00 0.00 ? 1  DC  A "C2'"  1 
ATOM   8   C "C1'"  . DC  A 1 1  ? -7.328  2.861   -16.021 1.00 0.00 ? 1  DC  A "C1'"  1 
ATOM   9   N N1     . DC  A 1 1  ? -7.665  3.643   -14.816 1.00 0.00 ? 1  DC  A N1     1 
ATOM   10  C C2     . DC  A 1 1  ? -6.899  4.760   -14.549 1.00 0.00 ? 1  DC  A C2     1 
ATOM   11  O O2     . DC  A 1 1  ? -5.904  5.002   -15.213 1.00 0.00 ? 1  DC  A O2     1 
ATOM   12  N N3     . DC  A 1 1  ? -7.217  5.598   -13.541 1.00 0.00 ? 1  DC  A N3     1 
ATOM   13  C C4     . DC  A 1 1  ? -8.232  5.277   -12.776 1.00 0.00 ? 1  DC  A C4     1 
ATOM   14  N N4     . DC  A 1 1  ? -8.545  6.138   -11.869 1.00 0.00 ? 1  DC  A N4     1 
ATOM   15  C C5     . DC  A 1 1  ? -9.029  4.121   -12.955 1.00 0.00 ? 1  DC  A C5     1 
ATOM   16  C C6     . DC  A 1 1  ? -8.717  3.323   -14.000 1.00 0.00 ? 1  DC  A C6     1 
ATOM   17  H "H5'"  . DC  A 1 1  ? -9.379  -0.444  -16.997 1.00 0.00 ? 1  DC  A "H5'"  1 
ATOM   18  H "H5''" . DC  A 1 1  ? -10.198 1.010   -16.902 1.00 0.00 ? 1  DC  A "H5''" 1 
ATOM   19  H "H4'"  . DC  A 1 1  ? -7.902  1.760   -18.500 1.00 0.00 ? 1  DC  A "H4'"  1 
ATOM   20  H "H3'"  . DC  A 1 1  ? -7.442  -0.314  -16.367 1.00 0.00 ? 1  DC  A "H3'"  1 
ATOM   21  H "H2'"  . DC  A 1 1  ? -7.094  1.143   -14.726 1.00 0.00 ? 1  DC  A "H2'"  1 
ATOM   22  H "H2''" . DC  A 1 1  ? -5.607  1.670   -15.565 1.00 0.00 ? 1  DC  A "H2''" 1 
ATOM   23  H "H1'"  . DC  A 1 1  ? -6.715  3.390   -16.753 1.00 0.00 ? 1  DC  A "H1'"  1 
ATOM   24  H H41    . DC  A 1 1  ? -7.940  6.938   -11.822 1.00 0.00 ? 1  DC  A H41    1 
ATOM   25  H H42    . DC  A 1 1  ? -9.298  5.968   -11.240 1.00 0.00 ? 1  DC  A H42    1 
ATOM   26  H H5     . DC  A 1 1  ? -9.860  3.891   -12.312 1.00 0.00 ? 1  DC  A H5     1 
ATOM   27  H H6     . DC  A 1 1  ? -9.305  2.436   -14.199 1.00 0.00 ? 1  DC  A H6     1 
ATOM   28  P P      . DG  A 1 2  ? -4.839  -0.658  -17.327 1.00 0.00 ? 2  DG  A P      1 
ATOM   29  O OP1    . DG  A 1 2  ? -4.204  -1.099  -18.586 1.00 0.00 ? 2  DG  A OP1    1 
ATOM   30  O OP2    . DG  A 1 2  ? -5.332  -1.661  -16.357 1.00 0.00 ? 2  DG  A OP2    1 
ATOM   31  O "O5'"  . DG  A 1 2  ? -3.805  0.305   -16.552 1.00 0.00 ? 2  DG  A "O5'"  1 
ATOM   32  C "C5'"  . DG  A 1 2  ? -3.116  1.337   -17.241 1.00 0.00 ? 2  DG  A "C5'"  1 
ATOM   33  C "C4'"  . DG  A 1 2  ? -2.304  2.203   -16.272 1.00 0.00 ? 2  DG  A "C4'"  1 
ATOM   34  O "O4'"  . DG  A 1 2  ? -3.170  2.951   -15.431 1.00 0.00 ? 2  DG  A "O4'"  1 
ATOM   35  C "C3'"  . DG  A 1 2  ? -1.364  1.396   -15.348 1.00 0.00 ? 2  DG  A "C3'"  1 
ATOM   36  O "O3'"  . DG  A 1 2  ? -0.081  1.988   -15.391 1.00 0.00 ? 2  DG  A "O3'"  1 
ATOM   37  C "C2'"  . DG  A 1 2  ? -2.011  1.607   -13.983 1.00 0.00 ? 2  DG  A "C2'"  1 
ATOM   38  C "C1'"  . DG  A 1 2  ? -2.564  3.015   -14.164 1.00 0.00 ? 2  DG  A "C1'"  1 
ATOM   39  N N9     . DG  A 1 2  ? -3.569  3.372   -13.159 1.00 0.00 ? 2  DG  A N9     1 
ATOM   40  C C8     . DG  A 1 2  ? -4.700  2.698   -12.788 1.00 0.00 ? 2  DG  A C8     1 
ATOM   41  N N7     . DG  A 1 2  ? -5.452  3.342   -11.943 1.00 0.00 ? 2  DG  A N7     1 
ATOM   42  C C5     . DG  A 1 2  ? -4.762  4.554   -11.760 1.00 0.00 ? 2  DG  A C5     1 
ATOM   43  C C6     . DG  A 1 2  ? -5.037  5.734   -10.992 1.00 0.00 ? 2  DG  A C6     1 
ATOM   44  O O6     . DG  A 1 2  ? -6.016  5.979   -10.311 1.00 0.00 ? 2  DG  A O6     1 
ATOM   45  N N1     . DG  A 1 2  ? -4.061  6.699   -11.046 1.00 0.00 ? 2  DG  A N1     1 
ATOM   46  C C2     . DG  A 1 2  ? -2.960  6.577   -11.795 1.00 0.00 ? 2  DG  A C2     1 
ATOM   47  N N2     . DG  A 1 2  ? -2.090  7.527   -11.726 1.00 0.00 ? 2  DG  A N2     1 
ATOM   48  N N3     . DG  A 1 2  ? -2.642  5.518   -12.516 1.00 0.00 ? 2  DG  A N3     1 
ATOM   49  C C4     . DG  A 1 2  ? -3.599  4.556   -12.483 1.00 0.00 ? 2  DG  A C4     1 
ATOM   50  H "H5'"  . DG  A 1 2  ? -3.816  1.985   -17.775 1.00 0.00 ? 2  DG  A "H5'"  1 
ATOM   51  H "H5''" . DG  A 1 2  ? -2.428  0.894   -17.964 1.00 0.00 ? 2  DG  A "H5''" 1 
ATOM   52  H "H4'"  . DG  A 1 2  ? -1.729  2.912   -16.871 1.00 0.00 ? 2  DG  A "H4'"  1 
ATOM   53  H "H3'"  . DG  A 1 2  ? -1.323  0.338   -15.622 1.00 0.00 ? 2  DG  A "H3'"  1 
ATOM   54  H "H2'"  . DG  A 1 2  ? -2.826  0.891   -13.869 1.00 0.00 ? 2  DG  A "H2'"  1 
ATOM   55  H "H2''" . DG  A 1 2  ? -1.342  1.538   -13.131 1.00 0.00 ? 2  DG  A "H2''" 1 
ATOM   56  H "H1'"  . DG  A 1 2  ? -1.739  3.732   -14.178 1.00 0.00 ? 2  DG  A "H1'"  1 
ATOM   57  H H8     . DG  A 1 2  ? -4.959  1.715   -13.151 1.00 0.00 ? 2  DG  A H8     1 
ATOM   58  H H1     . DG  A 1 2  ? -4.228  7.538   -10.518 1.00 0.00 ? 2  DG  A H1     1 
ATOM   59  H H21    . DG  A 1 2  ? -2.292  8.353   -11.193 1.00 0.00 ? 2  DG  A H21    1 
ATOM   60  H H22    . DG  A 1 2  ? -1.285  7.425   -12.309 1.00 0.00 ? 2  DG  A H22    1 
ATOM   61  P P      . DC  A 1 3  ? 1.186   1.417   -14.584 1.00 0.00 ? 3  DC  A P      1 
ATOM   62  O OP1    . DC  A 1 3  ? 2.323   1.292   -15.519 1.00 0.00 ? 3  DC  A OP1    1 
ATOM   63  O OP2    . DC  A 1 3  ? 0.769   0.260   -13.760 1.00 0.00 ? 3  DC  A OP2    1 
ATOM   64  O "O5'"  . DC  A 1 3  ? 1.481   2.656   -13.589 1.00 0.00 ? 3  DC  A "O5'"  1 
ATOM   65  C "C5'"  . DC  A 1 3  ? 1.875   3.923   -14.104 1.00 0.00 ? 3  DC  A "C5'"  1 
ATOM   66  C "C4'"  . DC  A 1 3  ? 2.074   4.972   -12.998 1.00 0.00 ? 3  DC  A "C4'"  1 
ATOM   67  O "O4'"  . DC  A 1 3  ? 0.839   5.226   -12.345 1.00 0.00 ? 3  DC  A "O4'"  1 
ATOM   68  C "C3'"  . DC  A 1 3  ? 3.093   4.546   -11.925 1.00 0.00 ? 3  DC  A "C3'"  1 
ATOM   69  O "O3'"  . DC  A 1 3  ? 3.838   5.682   -11.540 1.00 0.00 ? 3  DC  A "O3'"  1 
ATOM   70  C "C2'"  . DC  A 1 3  ? 2.177   4.083   -10.804 1.00 0.00 ? 3  DC  A "C2'"  1 
ATOM   71  C "C1'"  . DC  A 1 3  ? 1.009   5.059   -10.957 1.00 0.00 ? 3  DC  A "C1'"  1 
ATOM   72  N N1     . DC  A 1 3  ? -0.247  4.509   -10.417 1.00 0.00 ? 3  DC  A N1     1 
ATOM   73  C C2     . DC  A 1 3  ? -1.011  5.299   -9.576  1.00 0.00 ? 3  DC  A C2     1 
ATOM   74  O O2     . DC  A 1 3  ? -0.644  6.417   -9.253  1.00 0.00 ? 3  DC  A O2     1 
ATOM   75  N N3     . DC  A 1 3  ? -2.172  4.838   -9.060  1.00 0.00 ? 3  DC  A N3     1 
ATOM   76  C C4     . DC  A 1 3  ? -2.536  3.618   -9.360  1.00 0.00 ? 3  DC  A C4     1 
ATOM   77  N N4     . DC  A 1 3  ? -3.664  3.234   -8.870  1.00 0.00 ? 3  DC  A N4     1 
ATOM   78  C C5     . DC  A 1 3  ? -1.824  2.767   -10.234 1.00 0.00 ? 3  DC  A C5     1 
ATOM   79  C C6     . DC  A 1 3  ? -0.688  3.263   -10.763 1.00 0.00 ? 3  DC  A C6     1 
ATOM   80  H "H5'"  . DC  A 1 3  ? 1.117   4.304   -14.794 1.00 0.00 ? 3  DC  A "H5'"  1 
ATOM   81  H "H5''" . DC  A 1 3  ? 2.817   3.824   -14.646 1.00 0.00 ? 3  DC  A "H5''" 1 
ATOM   82  H "H4'"  . DC  A 1 3  ? 2.407   5.892   -13.485 1.00 0.00 ? 3  DC  A "H4'"  1 
ATOM   83  H "H3'"  . DC  A 1 3  ? 3.750   3.746   -12.277 1.00 0.00 ? 3  DC  A "H3'"  1 
ATOM   84  H "H2'"  . DC  A 1 3  ? 1.898   3.053   -11.018 1.00 0.00 ? 3  DC  A "H2'"  1 
ATOM   85  H "H2''" . DC  A 1 3  ? 2.609   4.114   -9.810  1.00 0.00 ? 3  DC  A "H2''" 1 
ATOM   86  H "H1'"  . DC  A 1 3  ? 1.315   6.012   -10.519 1.00 0.00 ? 3  DC  A "H1'"  1 
ATOM   87  H H41    . DC  A 1 3  ? -4.153  3.963   -8.381  1.00 0.00 ? 3  DC  A H41    1 
ATOM   88  H H42    . DC  A 1 3  ? -4.121  2.421   -9.228  1.00 0.00 ? 3  DC  A H42    1 
ATOM   89  H H5     . DC  A 1 3  ? -2.141  1.765   -10.461 1.00 0.00 ? 3  DC  A H5     1 
ATOM   90  H H6     . DC  A 1 3  ? -0.134  2.666   -11.470 1.00 0.00 ? 3  DC  A H6     1 
ATOM   91  P P      . DA  A 1 4  ? 4.941   5.660   -10.371 1.00 0.00 ? 4  DA  A P      1 
ATOM   92  O OP1    . DA  A 1 4  ? 6.071   6.520   -10.778 1.00 0.00 ? 4  DA  A OP1    1 
ATOM   93  O OP2    . DA  A 1 4  ? 5.183   4.264   -9.946  1.00 0.00 ? 4  DA  A OP2    1 
ATOM   94  O "O5'"  . DA  A 1 4  ? 4.131   6.414   -9.192  1.00 0.00 ? 4  DA  A "O5'"  1 
ATOM   95  C "C5'"  . DA  A 1 4  ? 3.707   7.763   -9.351  1.00 0.00 ? 4  DA  A "C5'"  1 
ATOM   96  C "C4'"  . DA  A 1 4  ? 3.028   8.311   -8.087  1.00 0.00 ? 4  DA  A "C4'"  1 
ATOM   97  O "O4'"  . DA  A 1 4  ? 1.820   7.614   -7.833  1.00 0.00 ? 4  DA  A "O4'"  1 
ATOM   98  C "C3'"  . DA  A 1 4  ? 3.903   8.187   -6.825  1.00 0.00 ? 4  DA  A "C3'"  1 
ATOM   99  O "O3'"  . DA  A 1 4  ? 3.777   9.385   -6.087  1.00 0.00 ? 4  DA  A "O3'"  1 
ATOM   100 C "C2'"  . DA  A 1 4  ? 3.251   7.016   -6.099  1.00 0.00 ? 4  DA  A "C2'"  1 
ATOM   101 C "C1'"  . DA  A 1 4  ? 1.787   7.225   -6.479  1.00 0.00 ? 4  DA  A "C1'"  1 
ATOM   102 N N9     . DA  A 1 4  ? 0.986   5.999   -6.402  1.00 0.00 ? 4  DA  A N9     1 
ATOM   103 C C8     . DA  A 1 4  ? 1.130   4.840   -7.118  1.00 0.00 ? 4  DA  A C8     1 
ATOM   104 N N7     . DA  A 1 4  ? 0.135   4.006   -7.010  1.00 0.00 ? 4  DA  A N7     1 
ATOM   105 C C5     . DA  A 1 4  ? -0.746  4.700   -6.157  1.00 0.00 ? 4  DA  A C5     1 
ATOM   106 C C6     . DA  A 1 4  ? -2.041  4.490   -5.638  1.00 0.00 ? 4  DA  A C6     1 
ATOM   107 N N6     . DA  A 1 4  ? -2.782  3.448   -5.912  1.00 0.00 ? 4  DA  A N6     1 
ATOM   108 N N1     . DA  A 1 4  ? -2.624  5.361   -4.819  1.00 0.00 ? 4  DA  A N1     1 
ATOM   109 C C2     . DA  A 1 4  ? -1.963  6.464   -4.511  1.00 0.00 ? 4  DA  A C2     1 
ATOM   110 N N3     . DA  A 1 4  ? -0.756  6.813   -4.928  1.00 0.00 ? 4  DA  A N3     1 
ATOM   111 C C4     . DA  A 1 4  ? -0.215  5.896   -5.769  1.00 0.00 ? 4  DA  A C4     1 
ATOM   112 H "H5'"  . DA  A 1 4  ? 3.003   7.846   -10.182 1.00 0.00 ? 4  DA  A "H5'"  1 
ATOM   113 H "H5''" . DA  A 1 4  ? 4.567   8.401   -9.564  1.00 0.00 ? 4  DA  A "H5''" 1 
ATOM   114 H "H4'"  . DA  A 1 4  ? 2.785   9.358   -8.281  1.00 0.00 ? 4  DA  A "H4'"  1 
ATOM   115 H "H3'"  . DA  A 1 4  ? 4.948   7.986   -7.074  1.00 0.00 ? 4  DA  A "H3'"  1 
ATOM   116 H "H2'"  . DA  A 1 4  ? 3.628   6.081   -6.516  1.00 0.00 ? 4  DA  A "H2'"  1 
ATOM   117 H "H2''" . DA  A 1 4  ? 3.395   7.018   -5.022  1.00 0.00 ? 4  DA  A "H2''" 1 
ATOM   118 H "H1'"  . DA  A 1 4  ? 1.369   8.029   -5.869  1.00 0.00 ? 4  DA  A "H1'"  1 
ATOM   119 H H8     . DA  A 1 4  ? 1.987   4.640   -7.741  1.00 0.00 ? 4  DA  A H8     1 
ATOM   120 H H61    . DA  A 1 4  ? -3.726  3.482   -5.568  1.00 0.00 ? 4  DA  A H61    1 
ATOM   121 H H62    . DA  A 1 4  ? -2.487  2.817   -6.630  1.00 0.00 ? 4  DA  A H62    1 
ATOM   122 H H2     . DA  A 1 4  ? -2.455  7.161   -3.851  1.00 0.00 ? 4  DA  A H2     1 
ATOM   123 P P      . DT  A 1 5  ? 4.513   9.629   -4.677  1.00 0.00 ? 5  DT  A P      1 
ATOM   124 O OP1    . DT  A 1 5  ? 4.927   11.046  -4.608  1.00 0.00 ? 5  DT  A OP1    1 
ATOM   125 O OP2    . DT  A 1 5  ? 5.501   8.552   -4.450  1.00 0.00 ? 5  DT  A OP2    1 
ATOM   126 O "O5'"  . DT  A 1 5  ? 3.284   9.410   -3.652  1.00 0.00 ? 5  DT  A "O5'"  1 
ATOM   127 C "C5'"  . DT  A 1 5  ? 2.165   10.290  -3.647  1.00 0.00 ? 5  DT  A "C5'"  1 
ATOM   128 C "C4'"  . DT  A 1 5  ? 1.179   9.955   -2.515  1.00 0.00 ? 5  DT  A "C4'"  1 
ATOM   129 O "O4'"  . DT  A 1 5  ? 0.546   8.706   -2.752  1.00 0.00 ? 5  DT  A "O4'"  1 
ATOM   130 C "C3'"  . DT  A 1 5  ? 1.854   9.866   -1.131  1.00 0.00 ? 5  DT  A "C3'"  1 
ATOM   131 O "O3'"  . DT  A 1 5  ? 1.061   10.551  -0.179  1.00 0.00 ? 5  DT  A "O3'"  1 
ATOM   132 C "C2'"  . DT  A 1 5  ? 1.837   8.362   -0.884  1.00 0.00 ? 5  DT  A "C2'"  1 
ATOM   133 C "C1'"  . DT  A 1 5  ? 0.505   7.994   -1.537  1.00 0.00 ? 5  DT  A "C1'"  1 
ATOM   134 N N1     . DT  A 1 5  ? 0.367   6.547   -1.838  1.00 0.00 ? 5  DT  A N1     1 
ATOM   135 C C2     . DT  A 1 5  ? -0.873  5.975   -1.565  1.00 0.00 ? 5  DT  A C2     1 
ATOM   136 O O2     . DT  A 1 5  ? -1.827  6.548   -1.086  1.00 0.00 ? 5  DT  A O2     1 
ATOM   137 N N3     . DT  A 1 5  ? -1.011  4.661   -1.908  1.00 0.00 ? 5  DT  A N3     1 
ATOM   138 C C4     . DT  A 1 5  ? -0.115  3.920   -2.597  1.00 0.00 ? 5  DT  A C4     1 
ATOM   139 O O4     . DT  A 1 5  ? -0.422  2.753   -2.850  1.00 0.00 ? 5  DT  A O4     1 
ATOM   140 C C5     . DT  A 1 5  ? 1.120   4.588   -2.992  1.00 0.00 ? 5  DT  A C5     1 
ATOM   141 C C7     . DT  A 1 5  ? 2.183   3.915   -3.878  1.00 0.00 ? 5  DT  A C7     1 
ATOM   142 C C6     . DT  A 1 5  ? 1.314   5.885   -2.576  1.00 0.00 ? 5  DT  A C6     1 
ATOM   143 H "H5'"  . DT  A 1 5  ? 1.635   10.240  -4.601  1.00 0.00 ? 5  DT  A "H5'"  1 
ATOM   144 H "H5''" . DT  A 1 5  ? 2.502   11.316  -3.492  1.00 0.00 ? 5  DT  A "H5''" 1 
ATOM   145 H "H4'"  . DT  A 1 5  ? 0.408   10.730  -2.512  1.00 0.00 ? 5  DT  A "H4'"  1 
ATOM   146 H "H3'"  . DT  A 1 5  ? 2.870   10.269  -1.149  1.00 0.00 ? 5  DT  A "H3'"  1 
ATOM   147 H "H2'"  . DT  A 1 5  ? 2.685   7.930   -1.413  1.00 0.00 ? 5  DT  A "H2'"  1 
ATOM   148 H "H2''" . DT  A 1 5  ? 1.876   8.063   0.161   1.00 0.00 ? 5  DT  A "H2''" 1 
ATOM   149 H "H1'"  . DT  A 1 5  ? -0.296  8.385   -0.907  1.00 0.00 ? 5  DT  A "H1'"  1 
ATOM   150 H H3     . DT  A 1 5  ? -1.918  4.267   -1.740  1.00 0.00 ? 5  DT  A H3     1 
ATOM   151 H H71    . DT  A 1 5  ? 1.712   3.272   -4.626  1.00 0.00 ? 5  DT  A H71    1 
ATOM   152 H H72    . DT  A 1 5  ? 2.822   4.623   -4.407  1.00 0.00 ? 5  DT  A H72    1 
ATOM   153 H H73    . DT  A 1 5  ? 2.824   3.266   -3.279  1.00 0.00 ? 5  DT  A H73    1 
ATOM   154 H H6     . DT  A 1 5  ? 2.210   6.395   -2.887  1.00 0.00 ? 5  DT  A H6     1 
HETATM 155 P P      . DFT A 1 6  ? 1.428   10.608  1.389   1.00 0.00 ? 6  DFT A P      1 
HETATM 156 O OP1    . DFT A 1 6  ? 0.961   11.904  1.923   1.00 0.00 ? 6  DFT A OP1    1 
HETATM 157 O OP2    . DFT A 1 6  ? 2.835   10.186  1.572   1.00 0.00 ? 6  DFT A OP2    1 
HETATM 158 O "O5'"  . DFT A 1 6  ? 0.468   9.450   1.977   1.00 0.00 ? 6  DFT A "O5'"  1 
HETATM 159 C "C5'"  . DFT A 1 6  ? -0.950  9.571   1.929   1.00 0.00 ? 6  DFT A "C5'"  1 
HETATM 160 C "C4'"  . DFT A 1 6  ? -1.629  8.265   2.351   1.00 0.00 ? 6  DFT A "C4'"  1 
HETATM 161 O "O4'"  . DFT A 1 6  ? -1.183  7.196   1.528   1.00 0.00 ? 6  DFT A "O4'"  1 
HETATM 162 C "C3'"  . DFT A 1 6  ? -1.409  7.805   3.804   1.00 0.00 ? 6  DFT A "C3'"  1 
HETATM 163 O "O3'"  . DFT A 1 6  ? -2.632  7.962   4.529   1.00 0.00 ? 6  DFT A "O3'"  1 
HETATM 164 C "C2'"  . DFT A 1 6  ? -0.980  6.339   3.666   1.00 0.00 ? 6  DFT A "C2'"  1 
HETATM 165 C "C1'"  . DFT A 1 6  ? -1.325  5.976   2.231   1.00 0.00 ? 6  DFT A "C1'"  1 
HETATM 166 C C2     . DFT A 1 6  ? -0.855  3.684   1.229   1.00 0.00 ? 6  DFT A C2     1 
HETATM 167 C C4     . DFT A 1 6  ? 1.312   3.134   0.323   1.00 0.00 ? 6  DFT A C4     1 
HETATM 168 C C5     . DFT A 1 6  ? 1.853   4.366   0.804   1.00 0.00 ? 6  DFT A C5     1 
HETATM 169 C C5M    . DFT A 1 6  ? 3.310   4.807   0.590   1.00 0.00 ? 6  DFT A C5M    1 
HETATM 170 C C6     . DFT A 1 6  ? 1.008   5.241   1.515   1.00 0.00 ? 6  DFT A C6     1 
HETATM 171 F F4     . DFT A 1 6  ? 2.058   2.306   -0.404  1.00 0.00 ? 6  DFT A F4     1 
HETATM 172 C C3     . DFT A 1 6  ? -0.023  2.787   0.554   1.00 0.00 ? 6  DFT A C3     1 
HETATM 173 F F2     . DFT A 1 6  ? -2.117  3.351   1.475   1.00 0.00 ? 6  DFT A F2     1 
HETATM 174 C C1     . DFT A 1 6  ? -0.369  4.942   1.641   1.00 0.00 ? 6  DFT A C1     1 
HETATM 175 H "H5'"  . DFT A 1 6  ? -1.288  9.782   0.911   1.00 0.00 ? 6  DFT A "H5'"  1 
HETATM 176 H "H5''" . DFT A 1 6  ? -1.299  10.366  2.591   1.00 0.00 ? 6  DFT A "H5''" 1 
HETATM 177 H "H4'"  . DFT A 1 6  ? -2.711  8.364   2.175   1.00 0.00 ? 6  DFT A "H4'"  1 
HETATM 178 H "H3'"  . DFT A 1 6  ? -0.595  8.401   4.248   1.00 0.00 ? 6  DFT A "H3'"  1 
HETATM 179 H "H2'"  . DFT A 1 6  ? 0.105   6.272   3.824   1.00 0.00 ? 6  DFT A "H2'"  1 
HETATM 180 H "H2''" . DFT A 1 6  ? -1.488  5.649   4.346   1.00 0.00 ? 6  DFT A "H2''" 1 
HETATM 181 H "H1'"  . DFT A 1 6  ? -2.380  5.649   2.147   1.00 0.00 ? 6  DFT A "H1'"  1 
HETATM 182 H H71    . DFT A 1 6  ? 3.373   5.816   0.184   1.00 0.00 ? 6  DFT A H71    1 
HETATM 183 H H72    . DFT A 1 6  ? 3.865   4.769   1.529   1.00 0.00 ? 6  DFT A H72    1 
HETATM 184 H H73    . DFT A 1 6  ? 3.818   4.137   -0.106  1.00 0.00 ? 6  DFT A H73    1 
HETATM 185 H H6     . DFT A 1 6  ? 1.409   6.154   1.955   1.00 0.00 ? 6  DFT A H6     1 
HETATM 186 H H3     . DFT A 1 6  ? -0.393  1.842   0.226   1.00 0.00 ? 6  DFT A H3     1 
ATOM   187 P P      . DG  A 1 7  ? -2.520  7.564   6.098   1.00 0.00 ? 7  DG  A P      1 
ATOM   188 O OP1    . DG  A 1 7  ? -3.587  8.291   6.818   1.00 0.00 ? 7  DG  A OP1    1 
ATOM   189 O OP2    . DG  A 1 7  ? -1.116  7.680   6.550   1.00 0.00 ? 7  DG  A OP2    1 
ATOM   190 O "O5'"  . DG  A 1 7  ? -2.917  5.999   6.098   1.00 0.00 ? 7  DG  A "O5'"  1 
ATOM   191 C "C5'"  . DG  A 1 7  ? -4.197  5.559   5.670   1.00 0.00 ? 7  DG  A "C5'"  1 
ATOM   192 C "C4'"  . DG  A 1 7  ? -4.325  4.035   5.777   1.00 0.00 ? 7  DG  A "C4'"  1 
ATOM   193 O "O4'"  . DG  A 1 7  ? -3.555  3.366   4.782   1.00 0.00 ? 7  DG  A "O4'"  1 
ATOM   194 C "C3'"  . DG  A 1 7  ? -3.865  3.489   7.142   1.00 0.00 ? 7  DG  A "C3'"  1 
ATOM   195 O "O3'"  . DG  A 1 7  ? -4.800  2.501   7.497   1.00 0.00 ? 7  DG  A "O3'"  1 
ATOM   196 C "C2'"  . DG  A 1 7  ? -2.547  2.834   6.760   1.00 0.00 ? 7  DG  A "C2'"  1 
ATOM   197 C "C1'"  . DG  A 1 7  ? -2.936  2.257   5.403   1.00 0.00 ? 7  DG  A "C1'"  1 
ATOM   198 N N9     . DG  A 1 7  ? -1.790  1.796   4.617   1.00 0.00 ? 7  DG  A N9     1 
ATOM   199 C C8     . DG  A 1 7  ? -0.538  2.336   4.516   1.00 0.00 ? 7  DG  A C8     1 
ATOM   200 N N7     . DG  A 1 7  ? 0.225   1.756   3.634   1.00 0.00 ? 7  DG  A N7     1 
ATOM   201 C C5     . DG  A 1 7  ? -0.590  0.725   3.138   1.00 0.00 ? 7  DG  A C5     1 
ATOM   202 C C6     . DG  A 1 7  ? -0.382  -0.294  2.153   1.00 0.00 ? 7  DG  A C6     1 
ATOM   203 O O6     . DG  A 1 7  ? 0.557   -0.415  1.385   1.00 0.00 ? 7  DG  A O6     1 
ATOM   204 N N1     . DG  A 1 7  ? -1.384  -1.231  2.071   1.00 0.00 ? 7  DG  A N1     1 
ATOM   205 C C2     . DG  A 1 7  ? -2.515  -1.157  2.785   1.00 0.00 ? 7  DG  A C2     1 
ATOM   206 N N2     . DG  A 1 7  ? -3.378  -2.109  2.629   1.00 0.00 ? 7  DG  A N2     1 
ATOM   207 N N3     . DG  A 1 7  ? -2.797  -0.203  3.657   1.00 0.00 ? 7  DG  A N3     1 
ATOM   208 C C4     . DG  A 1 7  ? -1.799  0.714   3.783   1.00 0.00 ? 7  DG  A C4     1 
ATOM   209 H "H5'"  . DG  A 1 7  ? -4.386  5.849   4.634   1.00 0.00 ? 7  DG  A "H5'"  1 
ATOM   210 H "H5''" . DG  A 1 7  ? -4.966  6.003   6.306   1.00 0.00 ? 7  DG  A "H5''" 1 
ATOM   211 H "H4'"  . DG  A 1 7  ? -5.377  3.789   5.607   1.00 0.00 ? 7  DG  A "H4'"  1 
ATOM   212 H "H3'"  . DG  A 1 7  ? -3.750  4.265   7.904   1.00 0.00 ? 7  DG  A "H3'"  1 
ATOM   213 H "H2'"  . DG  A 1 7  ? -1.798  3.619   6.640   1.00 0.00 ? 7  DG  A "H2'"  1 
ATOM   214 H "H2''" . DG  A 1 7  ? -2.189  2.076   7.450   1.00 0.00 ? 7  DG  A "H2''" 1 
ATOM   215 H "H1'"  . DG  A 1 7  ? -3.651  1.440   5.541   1.00 0.00 ? 7  DG  A "H1'"  1 
ATOM   216 H H8     . DG  A 1 7  ? -0.198  3.169   5.113   1.00 0.00 ? 7  DG  A H8     1 
ATOM   217 H H1     . DG  A 1 7  ? -1.243  -1.980  1.415   1.00 0.00 ? 7  DG  A H1     1 
ATOM   218 H H21    . DG  A 1 7  ? -3.181  -2.868  2.007   1.00 0.00 ? 7  DG  A H21    1 
ATOM   219 H H22    . DG  A 1 7  ? -4.222  -2.052  3.162   1.00 0.00 ? 7  DG  A H22    1 
ATOM   220 P P      . DT  A 1 8  ? -4.922  1.862   8.954   1.00 0.00 ? 8  DT  A P      1 
ATOM   221 O OP1    . DT  A 1 8  ? -6.149  2.391   9.585   1.00 0.00 ? 8  DT  A OP1    1 
ATOM   222 O OP2    . DT  A 1 8  ? -3.617  1.938   9.646   1.00 0.00 ? 8  DT  A OP2    1 
ATOM   223 O "O5'"  . DT  A 1 8  ? -5.179  0.338   8.496   1.00 0.00 ? 8  DT  A "O5'"  1 
ATOM   224 C "C5'"  . DT  A 1 8  ? -6.300  -0.017  7.694   1.00 0.00 ? 8  DT  A "C5'"  1 
ATOM   225 C "C4'"  . DT  A 1 8  ? -6.219  -1.478  7.221   1.00 0.00 ? 8  DT  A "C4'"  1 
ATOM   226 O "O4'"  . DT  A 1 8  ? -5.096  -1.648  6.363   1.00 0.00 ? 8  DT  A "O4'"  1 
ATOM   227 C "C3'"  . DT  A 1 8  ? -6.062  -2.480  8.377   1.00 0.00 ? 8  DT  A "C3'"  1 
ATOM   228 O "O3'"  . DT  A 1 8  ? -6.724  -3.675  8.010   1.00 0.00 ? 8  DT  A "O3'"  1 
ATOM   229 C "C2'"  . DT  A 1 8  ? -4.549  -2.663  8.406   1.00 0.00 ? 8  DT  A "C2'"  1 
ATOM   230 C "C1'"  . DT  A 1 8  ? -4.243  -2.630  6.910   1.00 0.00 ? 8  DT  A "C1'"  1 
ATOM   231 N N1     . DT  A 1 8  ? -2.850  -2.282  6.549   1.00 0.00 ? 8  DT  A N1     1 
ATOM   232 C C2     . DT  A 1 8  ? -2.282  -3.034  5.528   1.00 0.00 ? 8  DT  A C2     1 
ATOM   233 O O2     . DT  A 1 8  ? -2.815  -3.992  4.994   1.00 0.00 ? 8  DT  A O2     1 
ATOM   234 N N3     . DT  A 1 8  ? -1.030  -2.693  5.138   1.00 0.00 ? 8  DT  A N3     1 
ATOM   235 C C4     . DT  A 1 8  ? -0.279  -1.683  5.652   1.00 0.00 ? 8  DT  A C4     1 
ATOM   236 O O4     . DT  A 1 8  ? 0.818   -1.486  5.162   1.00 0.00 ? 8  DT  A O4     1 
ATOM   237 C C5     . DT  A 1 8  ? -0.897  -0.912  6.732   1.00 0.00 ? 8  DT  A C5     1 
ATOM   238 C C7     . DT  A 1 8  ? -0.108  0.177   7.489   1.00 0.00 ? 8  DT  A C7     1 
ATOM   239 C C6     . DT  A 1 8  ? -2.166  -1.221  7.118   1.00 0.00 ? 8  DT  A C6     1 
ATOM   240 H "H5'"  . DT  A 1 8  ? -6.365  0.613   6.803   1.00 0.00 ? 8  DT  A "H5'"  1 
ATOM   241 H "H5''" . DT  A 1 8  ? -7.218  0.112   8.272   1.00 0.00 ? 8  DT  A "H5''" 1 
ATOM   242 H "H4'"  . DT  A 1 8  ? -7.131  -1.685  6.655   1.00 0.00 ? 8  DT  A "H4'"  1 
ATOM   243 H "H3'"  . DT  A 1 8  ? -6.457  -2.084  9.317   1.00 0.00 ? 8  DT  A "H3'"  1 
ATOM   244 H "H2'"  . DT  A 1 8  ? -4.102  -1.826  8.934   1.00 0.00 ? 8  DT  A "H2'"  1 
ATOM   245 H "H2''" . DT  A 1 8  ? -4.214  -3.587  8.868   1.00 0.00 ? 8  DT  A "H2''" 1 
ATOM   246 H "H1'"  . DT  A 1 8  ? -4.545  -3.615  6.548   1.00 0.00 ? 8  DT  A "H1'"  1 
ATOM   247 H H3     . DT  A 1 8  ? -0.637  -3.227  4.379   1.00 0.00 ? 8  DT  A H3     1 
ATOM   248 H H71    . DT  A 1 8  ? -0.206  1.158   7.027   1.00 0.00 ? 8  DT  A H71    1 
ATOM   249 H H72    . DT  A 1 8  ? -0.394  0.240   8.540   1.00 0.00 ? 8  DT  A H72    1 
ATOM   250 H H73    . DT  A 1 8  ? 0.960   -0.055  7.475   1.00 0.00 ? 8  DT  A H73    1 
ATOM   251 H H6     . DT  A 1 8  ? -2.622  -0.631  7.899   1.00 0.00 ? 8  DT  A H6     1 
ATOM   252 P P      . DT  A 1 9  ? -6.744  -4.993  8.932   1.00 0.00 ? 9  DT  A P      1 
ATOM   253 O OP1    . DT  A 1 9  ? -8.112  -5.554  8.909   1.00 0.00 ? 9  DT  A OP1    1 
ATOM   254 O OP2    . DT  A 1 9  ? -6.083  -4.699  10.222  1.00 0.00 ? 9  DT  A OP2    1 
ATOM   255 O "O5'"  . DT  A 1 9  ? -5.781  -5.976  8.082   1.00 0.00 ? 9  DT  A "O5'"  1 
ATOM   256 C "C5'"  . DT  A 1 9  ? -6.153  -6.435  6.786   1.00 0.00 ? 9  DT  A "C5'"  1 
ATOM   257 C "C4'"  . DT  A 1 9  ? -5.164  -7.469  6.218   1.00 0.00 ? 9  DT  A "C4'"  1 
ATOM   258 O "O4'"  . DT  A 1 9  ? -3.910  -6.859  5.948   1.00 0.00 ? 9  DT  A "O4'"  1 
ATOM   259 C "C3'"  . DT  A 1 9  ? -4.902  -8.646  7.173   1.00 0.00 ? 9  DT  A "C3'"  1 
ATOM   260 O "O3'"  . DT  A 1 9  ? -4.761  -9.831  6.416   1.00 0.00 ? 9  DT  A "O3'"  1 
ATOM   261 C "C2'"  . DT  A 1 9  ? -3.581  -8.233  7.810   1.00 0.00 ? 9  DT  A "C2'"  1 
ATOM   262 C "C1'"  . DT  A 1 9  ? -2.891  -7.567  6.619   1.00 0.00 ? 9  DT  A "C1'"  1 
ATOM   263 N N1     . DT  A 1 9  ? -1.834  -6.587  6.954   1.00 0.00 ? 9  DT  A N1     1 
ATOM   264 C C2     . DT  A 1 9  ? -0.785  -6.484  6.045   1.00 0.00 ? 9  DT  A C2     1 
ATOM   265 O O2     . DT  A 1 9  ? -0.616  -7.230  5.096   1.00 0.00 ? 9  DT  A O2     1 
ATOM   266 N N3     . DT  A 1 9  ? 0.128   -5.505  6.269   1.00 0.00 ? 9  DT  A N3     1 
ATOM   267 C C4     . DT  A 1 9  ? 0.115   -4.634  7.318   1.00 0.00 ? 9  DT  A C4     1 
ATOM   268 O O4     . DT  A 1 9  ? 1.042   -3.848  7.427   1.00 0.00 ? 9  DT  A O4     1 
ATOM   269 C C5     . DT  A 1 9  ? -1.051  -4.701  8.198   1.00 0.00 ? 9  DT  A C5     1 
ATOM   270 C C7     . DT  A 1 9  ? -1.263  -3.711  9.361   1.00 0.00 ? 9  DT  A C7     1 
ATOM   271 C C6     . DT  A 1 9  ? -1.976  -5.674  7.982   1.00 0.00 ? 9  DT  A C6     1 
ATOM   272 H "H5'"  . DT  A 1 9  ? -6.216  -5.593  6.093   1.00 0.00 ? 9  DT  A "H5'"  1 
ATOM   273 H "H5''" . DT  A 1 9  ? -7.133  -6.915  6.831   1.00 0.00 ? 9  DT  A "H5''" 1 
ATOM   274 H "H4'"  . DT  A 1 9  ? -5.582  -7.831  5.276   1.00 0.00 ? 9  DT  A "H4'"  1 
ATOM   275 H "H3'"  . DT  A 1 9  ? -5.703  -8.749  7.910   1.00 0.00 ? 9  DT  A "H3'"  1 
ATOM   276 H "H2'"  . DT  A 1 9  ? -3.809  -7.536  8.610   1.00 0.00 ? 9  DT  A "H2'"  1 
ATOM   277 H "H2''" . DT  A 1 9  ? -2.994  -9.051  8.221   1.00 0.00 ? 9  DT  A "H2''" 1 
ATOM   278 H "H1'"  . DT  A 1 9  ? -2.523  -8.386  5.997   1.00 0.00 ? 9  DT  A "H1'"  1 
ATOM   279 H H3     . DT  A 1 9  ? 0.918   -5.485  5.647   1.00 0.00 ? 9  DT  A H3     1 
ATOM   280 H H71    . DT  A 1 9  ? -1.458  -2.705  9.007   1.00 0.00 ? 9  DT  A H71    1 
ATOM   281 H H72    . DT  A 1 9  ? -2.095  -4.001  10.001  1.00 0.00 ? 9  DT  A H72    1 
ATOM   282 H H73    . DT  A 1 9  ? -0.375  -3.647  9.994   1.00 0.00 ? 9  DT  A H73    1 
ATOM   283 H H6     . DT  A 1 9  ? -2.835  -5.696  8.630   1.00 0.00 ? 9  DT  A H6     1 
ATOM   284 P P      . DA  A 1 10 ? -4.423  -11.252 7.090   1.00 0.00 ? 10 DA  A P      1 
ATOM   285 O OP1    . DA  A 1 10 ? -4.992  -12.317 6.236   1.00 0.00 ? 10 DA  A OP1    1 
ATOM   286 O OP2    . DA  A 1 10 ? -4.758  -11.194 8.530   1.00 0.00 ? 10 DA  A OP2    1 
ATOM   287 O "O5'"  . DA  A 1 10 ? -2.814  -11.292 6.947   1.00 0.00 ? 10 DA  A "O5'"  1 
ATOM   288 C "C5'"  . DA  A 1 10 ? -2.193  -11.480 5.684   1.00 0.00 ? 10 DA  A "C5'"  1 
ATOM   289 C "C4'"  . DA  A 1 10 ? -0.665  -11.545 5.805   1.00 0.00 ? 10 DA  A "C4'"  1 
ATOM   290 O "O4'"  . DA  A 1 10 ? -0.103  -10.268 6.059   1.00 0.00 ? 10 DA  A "O4'"  1 
ATOM   291 C "C3'"  . DA  A 1 10 ? -0.170  -12.485 6.923   1.00 0.00 ? 10 DA  A "C3'"  1 
ATOM   292 O "O3'"  . DA  A 1 10 ? 0.771   -13.362 6.349   1.00 0.00 ? 10 DA  A "O3'"  1 
ATOM   293 C "C2'"  . DA  A 1 10 ? 0.507   -11.508 7.880   1.00 0.00 ? 10 DA  A "C2'"  1 
ATOM   294 C "C1'"  . DA  A 1 10 ? 1.015   -10.458 6.896   1.00 0.00 ? 10 DA  A "C1'"  1 
ATOM   295 N N9     . DA  A 1 10 ? 1.332   -9.175  7.525   1.00 0.00 ? 10 DA  A N9     1 
ATOM   296 C C8     . DA  A 1 10 ? 0.555   -8.419  8.362   1.00 0.00 ? 10 DA  A C8     1 
ATOM   297 N N7     . DA  A 1 10 ? 1.066   -7.263  8.671   1.00 0.00 ? 10 DA  A N7     1 
ATOM   298 C C5     . DA  A 1 10 ? 2.278   -7.263  7.955   1.00 0.00 ? 10 DA  A C5     1 
ATOM   299 C C6     . DA  A 1 10 ? 3.349   -6.363  7.773   1.00 0.00 ? 10 DA  A C6     1 
ATOM   300 N N6     . DA  A 1 10 ? 3.373   -5.155  8.267   1.00 0.00 ? 10 DA  A N6     1 
ATOM   301 N N1     . DA  A 1 10 ? 4.386   -6.646  6.984   1.00 0.00 ? 10 DA  A N1     1 
ATOM   302 C C2     . DA  A 1 10 ? 4.400   -7.820  6.380   1.00 0.00 ? 10 DA  A C2     1 
ATOM   303 N N3     . DA  A 1 10 ? 3.476   -8.772  6.449   1.00 0.00 ? 10 DA  A N3     1 
ATOM   304 C C4     . DA  A 1 10 ? 2.436   -8.418  7.249   1.00 0.00 ? 10 DA  A C4     1 
ATOM   305 H "H5'"  . DA  A 1 10 ? -2.458  -10.674 4.995   1.00 0.00 ? 10 DA  A "H5'"  1 
ATOM   306 H "H5''" . DA  A 1 10 ? -2.523  -12.428 5.253   1.00 0.00 ? 10 DA  A "H5''" 1 
ATOM   307 H "H4'"  . DA  A 1 10 ? -0.280  -11.875 4.835   1.00 0.00 ? 10 DA  A "H4'"  1 
ATOM   308 H "H3'"  . DA  A 1 10 ? -0.984  -13.032 7.406   1.00 0.00 ? 10 DA  A "H3'"  1 
ATOM   309 H "H2'"  . DA  A 1 10 ? -0.255  -11.082 8.534   1.00 0.00 ? 10 DA  A "H2'"  1 
ATOM   310 H "H2''" . DA  A 1 10 ? 1.307   -11.931 8.482   1.00 0.00 ? 10 DA  A "H2''" 1 
ATOM   311 H "H1'"  . DA  A 1 10 ? 1.866   -10.863 6.342   1.00 0.00 ? 10 DA  A "H1'"  1 
ATOM   312 H H8     . DA  A 1 10 ? -0.411  -8.734  8.726   1.00 0.00 ? 10 DA  A H8     1 
ATOM   313 H H61    . DA  A 1 10 ? 4.164   -4.584  8.044   1.00 0.00 ? 10 DA  A H61    1 
ATOM   314 H H62    . DA  A 1 10 ? 2.547   -4.780  8.694   1.00 0.00 ? 10 DA  A H62    1 
ATOM   315 H H2     . DA  A 1 10 ? 5.247   -8.023  5.745   1.00 0.00 ? 10 DA  A H2     1 
ATOM   316 P P      . DC  A 1 11 ? 1.436   -14.590 7.138   1.00 0.00 ? 11 DC  A P      1 
ATOM   317 O OP1    . DC  A 1 11 ? 1.165   -15.831 6.383   1.00 0.00 ? 11 DC  A OP1    1 
ATOM   318 O OP2    . DC  A 1 11 ? 1.111   -14.495 8.577   1.00 0.00 ? 11 DC  A OP2    1 
ATOM   319 O "O5'"  . DC  A 1 11 ? 2.982   -14.185 6.936   1.00 0.00 ? 11 DC  A "O5'"  1 
ATOM   320 C "C5'"  . DC  A 1 11 ? 3.565   -14.141 5.638   1.00 0.00 ? 11 DC  A "C5'"  1 
ATOM   321 C "C4'"  . DC  A 1 11 ? 5.040   -13.716 5.703   1.00 0.00 ? 11 DC  A "C4'"  1 
ATOM   322 O "O4'"  . DC  A 1 11 ? 5.124   -12.354 6.095   1.00 0.00 ? 11 DC  A "O4'"  1 
ATOM   323 C "C3'"  . DC  A 1 11 ? 5.834   -14.558 6.715   1.00 0.00 ? 11 DC  A "C3'"  1 
ATOM   324 O "O3'"  . DC  A 1 11 ? 7.125   -14.834 6.213   1.00 0.00 ? 11 DC  A "O3'"  1 
ATOM   325 C "C2'"  . DC  A 1 11 ? 5.891   -13.630 7.918   1.00 0.00 ? 11 DC  A "C2'"  1 
ATOM   326 C "C1'"  . DC  A 1 11 ? 5.906   -12.243 7.262   1.00 0.00 ? 11 DC  A "C1'"  1 
ATOM   327 N N1     . DC  A 1 11 ? 5.303   -11.180 8.096   1.00 0.00 ? 11 DC  A N1     1 
ATOM   328 C C2     . DC  A 1 11 ? 5.925   -9.942  8.132   1.00 0.00 ? 11 DC  A C2     1 
ATOM   329 O O2     . DC  A 1 11 ? 6.897   -9.702  7.435   1.00 0.00 ? 11 DC  A O2     1 
ATOM   330 N N3     . DC  A 1 11 ? 5.503   -8.984  8.986   1.00 0.00 ? 11 DC  A N3     1 
ATOM   331 C C4     . DC  A 1 11 ? 4.455   -9.227  9.730   1.00 0.00 ? 11 DC  A C4     1 
ATOM   332 N N4     . DC  A 1 11 ? 4.047   -8.261  10.478  1.00 0.00 ? 11 DC  A N4     1 
ATOM   333 C C5     . DC  A 1 11 ? 3.695   -10.417 9.649   1.00 0.00 ? 11 DC  A C5     1 
ATOM   334 C C6     . DC  A 1 11 ? 4.154   -11.371 8.812   1.00 0.00 ? 11 DC  A C6     1 
ATOM   335 H "H5'"  . DC  A 1 11 ? 3.032   -13.434 4.996   1.00 0.00 ? 11 DC  A "H5'"  1 
ATOM   336 H "H5''" . DC  A 1 11 ? 3.517   -15.130 5.178   1.00 0.00 ? 11 DC  A "H5''" 1 
ATOM   337 H "H4'"  . DC  A 1 11 ? 5.463   -13.825 4.701   1.00 0.00 ? 11 DC  A "H4'"  1 
ATOM   338 H "H3'"  . DC  A 1 11 ? 5.312   -15.492 6.946   1.00 0.00 ? 11 DC  A "H3'"  1 
ATOM   339 H "H2'"  . DC  A 1 11 ? 5.013   -13.805 8.527   1.00 0.00 ? 11 DC  A "H2'"  1 
ATOM   340 H "H2''" . DC  A 1 11 ? 6.752   -13.802 8.551   1.00 0.00 ? 11 DC  A "H2''" 1 
ATOM   341 H "H1'"  . DC  A 1 11 ? 6.947   -12.053 6.993   1.00 0.00 ? 11 DC  A "H1'"  1 
ATOM   342 H H41    . DC  A 1 11 ? 4.630   -7.443  10.492  1.00 0.00 ? 11 DC  A H41    1 
ATOM   343 H H42    . DC  A 1 11 ? 3.235   -8.348  11.052  1.00 0.00 ? 11 DC  A H42    1 
ATOM   344 H H5     . DC  A 1 11 ? 2.814   -10.579 10.242  1.00 0.00 ? 11 DC  A H5     1 
ATOM   345 H H6     . DC  A 1 11 ? 3.602   -12.293 8.728   1.00 0.00 ? 11 DC  A H6     1 
ATOM   346 P P      . DC  A 1 12 ? 8.216   -15.674 7.059   1.00 0.00 ? 12 DC  A P      1 
ATOM   347 O OP1    . DC  A 1 12 ? 9.146   -16.318 6.108   1.00 0.00 ? 12 DC  A OP1    1 
ATOM   348 O OP2    . DC  A 1 12 ? 7.509   -16.480 8.078   1.00 0.00 ? 12 DC  A OP2    1 
ATOM   349 O "O5'"  . DC  A 1 12 ? 8.982   -14.467 7.804   1.00 0.00 ? 12 DC  A "O5'"  1 
ATOM   350 C "C5'"  . DC  A 1 12 ? 9.907   -13.652 7.103   1.00 0.00 ? 12 DC  A "C5'"  1 
ATOM   351 C "C4'"  . DC  A 1 12 ? 10.484  -12.527 7.971   1.00 0.00 ? 12 DC  A "C4'"  1 
ATOM   352 O "O4'"  . DC  A 1 12 ? 9.574   -11.452 8.074   1.00 0.00 ? 12 DC  A "O4'"  1 
ATOM   353 C "C3'"  . DC  A 1 12 ? 10.856  -12.904 9.404   1.00 0.00 ? 12 DC  A "C3'"  1 
ATOM   354 O "O3'"  . DC  A 1 12 ? 12.183  -13.376 9.398   1.00 0.00 ? 12 DC  A "O3'"  1 
ATOM   355 C "C2'"  . DC  A 1 12 ? 10.823  -11.552 10.098  1.00 0.00 ? 12 DC  A "C2'"  1 
ATOM   356 C "C1'"  . DC  A 1 12 ? 9.915   -10.692 9.213   1.00 0.00 ? 12 DC  A "C1'"  1 
ATOM   357 N N1     . DC  A 1 12 ? 8.694   -10.390 9.969   1.00 0.00 ? 12 DC  A N1     1 
ATOM   358 C C2     . DC  A 1 12 ? 8.740   -9.306  10.820  1.00 0.00 ? 12 DC  A C2     1 
ATOM   359 O O2     . DC  A 1 12 ? 9.642   -8.487  10.746  1.00 0.00 ? 12 DC  A O2     1 
ATOM   360 N N3     . DC  A 1 12 ? 7.793   -9.133  11.762  1.00 0.00 ? 12 DC  A N3     1 
ATOM   361 C C4     . DC  A 1 12 ? 6.879   -10.057 11.901  1.00 0.00 ? 12 DC  A C4     1 
ATOM   362 N N4     . DC  A 1 12 ? 5.951   -9.796  12.753  1.00 0.00 ? 12 DC  A N4     1 
ATOM   363 C C5     . DC  A 1 12 ? 6.771   -11.197 11.070  1.00 0.00 ? 12 DC  A C5     1 
ATOM   364 C C6     . DC  A 1 12 ? 7.708   -11.323 10.111  1.00 0.00 ? 12 DC  A C6     1 
ATOM   365 H "H5'"  . DC  A 1 12 ? 9.417   -13.184 6.244   1.00 0.00 ? 12 DC  A "H5'"  1 
ATOM   366 H "H5''" . DC  A 1 12 ? 10.731  -14.269 6.740   1.00 0.00 ? 12 DC  A "H5''" 1 
ATOM   367 H "H4'"  . DC  A 1 12 ? 11.391  -12.159 7.483   1.00 0.00 ? 12 DC  A "H4'"  1 
ATOM   368 H "H3'"  . DC  A 1 12 ? 10.130  -13.584 9.866   1.00 0.00 ? 12 DC  A "H3'"  1 
ATOM   369 H "H2'"  . DC  A 1 12 ? 10.491  -11.645 11.136  1.00 0.00 ? 12 DC  A "H2'"  1 
ATOM   370 H "H2''" . DC  A 1 12 ? 11.812  -11.097 10.092  1.00 0.00 ? 12 DC  A "H2''" 1 
ATOM   371 H "H1'"  . DC  A 1 12 ? 10.449  -9.806  8.864   1.00 0.00 ? 12 DC  A "H1'"  1 
ATOM   372 H H41    . DC  A 1 12 ? 6.029   -8.873  13.146  1.00 0.00 ? 12 DC  A H41    1 
ATOM   373 H H42    . DC  A 1 12 ? 5.163   -10.393 12.870  1.00 0.00 ? 12 DC  A H42    1 
ATOM   374 H H5     . DC  A 1 12 ? 6.014   -11.950 11.194  1.00 0.00 ? 12 DC  A H5     1 
ATOM   375 H H6     . DC  A 1 12 ? 7.662   -12.151 9.427   1.00 0.00 ? 12 DC  A H6     1 
ATOM   376 O "O5'"  . DG  B 2 1  ? 7.813   2.002   17.236  1.00 0.00 ? 1  DG  B "O5'"  1 
ATOM   377 C "C5'"  . DG  B 2 1  ? 7.986   1.208   16.087  1.00 0.00 ? 1  DG  B "C5'"  1 
ATOM   378 C "C4'"  . DG  B 2 1  ? 8.946   0.057   15.758  1.00 0.00 ? 1  DG  B "C4'"  1 
ATOM   379 O "O4'"  . DG  B 2 1  ? 8.250   -1.155  15.892  1.00 0.00 ? 1  DG  B "O4'"  1 
ATOM   380 C "C3'"  . DG  B 2 1  ? 9.255   0.249   14.240  1.00 0.00 ? 1  DG  B "C3'"  1 
ATOM   381 O "O3'"  . DG  B 2 1  ? 10.630  0.462   14.012  1.00 0.00 ? 1  DG  B "O3'"  1 
ATOM   382 C "C2'"  . DG  B 2 1  ? 8.758   -1.039  13.618  1.00 0.00 ? 1  DG  B "C2'"  1 
ATOM   383 C "C1'"  . DG  B 2 1  ? 8.635   -1.964  14.816  1.00 0.00 ? 1  DG  B "C1'"  1 
ATOM   384 N N9     . DG  B 2 1  ? 7.626   -3.002  14.594  1.00 0.00 ? 1  DG  B N9     1 
ATOM   385 C C8     . DG  B 2 1  ? 6.338   -3.110  15.056  1.00 0.00 ? 1  DG  B C8     1 
ATOM   386 N N7     . DG  B 2 1  ? 5.750   -4.226  14.722  1.00 0.00 ? 1  DG  B N7     1 
ATOM   387 C C5     . DG  B 2 1  ? 6.732   -4.893  13.970  1.00 0.00 ? 1  DG  B C5     1 
ATOM   388 C C6     . DG  B 2 1  ? 6.773   -6.173  13.328  1.00 0.00 ? 1  DG  B C6     1 
ATOM   389 O O6     . DG  B 2 1  ? 5.912   -7.040  13.288  1.00 0.00 ? 1  DG  B O6     1 
ATOM   390 N N1     . DG  B 2 1  ? 7.955   -6.453  12.686  1.00 0.00 ? 1  DG  B N1     1 
ATOM   391 C C2     . DG  B 2 1  ? 9.000   -5.617  12.680  1.00 0.00 ? 1  DG  B C2     1 
ATOM   392 N N2     . DG  B 2 1  ? 10.013  -5.960  11.957  1.00 0.00 ? 1  DG  B N2     1 
ATOM   393 N N3     . DG  B 2 1  ? 9.027   -4.423  13.235  1.00 0.00 ? 1  DG  B N3     1 
ATOM   394 C C4     . DG  B 2 1  ? 7.864   -4.128  13.876  1.00 0.00 ? 1  DG  B C4     1 
ATOM   395 H "H5'"  . DG  B 2 1  ? 8.835   1.836   15.965  1.00 0.00 ? 1  DG  B "H5'"  1 
ATOM   396 H "H5''" . DG  B 2 1  ? 7.303   1.445   15.277  1.00 0.00 ? 1  DG  B "H5''" 1 
ATOM   397 H "H4'"  . DG  B 2 1  ? 9.878   0.018   16.348  1.00 0.00 ? 1  DG  B "H4'"  1 
ATOM   398 H "H3'"  . DG  B 2 1  ? 8.688   1.069   13.784  1.00 0.00 ? 1  DG  B "H3'"  1 
ATOM   399 H "H2'"  . DG  B 2 1  ? 7.770   -0.892  13.177  1.00 0.00 ? 1  DG  B "H2'"  1 
ATOM   400 H "H2''" . DG  B 2 1  ? 9.459   -1.463  12.906  1.00 0.00 ? 1  DG  B "H2''" 1 
ATOM   401 H "H1'"  . DG  B 2 1  ? 9.618   -2.386  15.023  1.00 0.00 ? 1  DG  B "H1'"  1 
ATOM   402 H H8     . DG  B 2 1  ? 5.844   -2.359  15.656  1.00 0.00 ? 1  DG  B H8     1 
ATOM   403 H H1     . DG  B 2 1  ? 8.029   -7.364  12.274  1.00 0.00 ? 1  DG  B H1     1 
ATOM   404 H H21    . DG  B 2 1  ? 10.006  -6.838  11.473  1.00 0.00 ? 1  DG  B H21    1 
ATOM   405 H H22    . DG  B 2 1  ? 10.744  -5.279  11.882  1.00 0.00 ? 1  DG  B H22    1 
ATOM   406 P P      . DG  B 2 2  ? 11.186  1.025   12.610  1.00 0.00 ? 2  DG  B P      1 
ATOM   407 O OP1    . DG  B 2 2  ? 12.546  1.557   12.838  1.00 0.00 ? 2  DG  B OP1    1 
ATOM   408 O OP2    . DG  B 2 2  ? 10.161  1.885   11.978  1.00 0.00 ? 2  DG  B OP2    1 
ATOM   409 O "O5'"  . DG  B 2 2  ? 11.317  -0.306  11.707  1.00 0.00 ? 2  DG  B "O5'"  1 
ATOM   410 C "C5'"  . DG  B 2 2  ? 12.307  -1.289  11.968  1.00 0.00 ? 2  DG  B "C5'"  1 
ATOM   411 C "C4'"  . DG  B 2 2  ? 12.410  -2.295  10.809  1.00 0.00 ? 2  DG  B "C4'"  1 
ATOM   412 O "O4'"  . DG  B 2 2  ? 11.299  -3.180  10.803  1.00 0.00 ? 2  DG  B "O4'"  1 
ATOM   413 C "C3'"  . DG  B 2 2  ? 12.441  -1.600  9.436   1.00 0.00 ? 2  DG  B "C3'"  1 
ATOM   414 O "O3'"  . DG  B 2 2  ? 13.310  -2.324  8.587   1.00 0.00 ? 2  DG  B "O3'"  1 
ATOM   415 C "C2'"  . DG  B 2 2  ? 10.989  -1.727  8.986   1.00 0.00 ? 2  DG  B "C2'"  1 
ATOM   416 C "C1'"  . DG  B 2 2  ? 10.646  -3.099  9.553   1.00 0.00 ? 2  DG  B "C1'"  1 
ATOM   417 N N9     . DG  B 2 2  ? 9.215   -3.336  9.783   1.00 0.00 ? 2  DG  B N9     1 
ATOM   418 C C8     . DG  B 2 2  ? 8.315   -2.610  10.518  1.00 0.00 ? 2  DG  B C8     1 
ATOM   419 N N7     . DG  B 2 2  ? 7.166   -3.199  10.695  1.00 0.00 ? 2  DG  B N7     1 
ATOM   420 C C5     . DG  B 2 2  ? 7.340   -4.436  10.054  1.00 0.00 ? 2  DG  B C5     1 
ATOM   421 C C6     . DG  B 2 2  ? 6.508   -5.595  9.915   1.00 0.00 ? 2  DG  B C6     1 
ATOM   422 O O6     . DG  B 2 2  ? 5.384   -5.783  10.349  1.00 0.00 ? 2  DG  B O6     1 
ATOM   423 N N1     . DG  B 2 2  ? 7.070   -6.623  9.199   1.00 0.00 ? 2  DG  B N1     1 
ATOM   424 C C2     . DG  B 2 2  ? 8.313   -6.579  8.714   1.00 0.00 ? 2  DG  B C2     1 
ATOM   425 N N2     . DG  B 2 2  ? 8.682   -7.561  7.961   1.00 0.00 ? 2  DG  B N2     1 
ATOM   426 N N3     . DG  B 2 2  ? 9.118   -5.538  8.785   1.00 0.00 ? 2  DG  B N3     1 
ATOM   427 C C4     . DG  B 2 2  ? 8.587   -4.509  9.492   1.00 0.00 ? 2  DG  B C4     1 
ATOM   428 H "H5'"  . DG  B 2 2  ? 12.093  -1.819  12.901  1.00 0.00 ? 2  DG  B "H5'"  1 
ATOM   429 H "H5''" . DG  B 2 2  ? 13.283  -0.810  12.058  1.00 0.00 ? 2  DG  B "H5''" 1 
ATOM   430 H "H4'"  . DG  B 2 2  ? 13.319  -2.881  10.968  1.00 0.00 ? 2  DG  B "H4'"  1 
ATOM   431 H "H3'"  . DG  B 2 2  ? 12.761  -0.558  9.516   1.00 0.00 ? 2  DG  B "H3'"  1 
ATOM   432 H "H2'"  . DG  B 2 2  ? 10.379  -0.959  9.459   1.00 0.00 ? 2  DG  B "H2'"  1 
ATOM   433 H "H2''" . DG  B 2 2  ? 10.854  -1.691  7.908   1.00 0.00 ? 2  DG  B "H2''" 1 
ATOM   434 H "H1'"  . DG  B 2 2  ? 11.056  -3.835  8.860   1.00 0.00 ? 2  DG  B "H1'"  1 
ATOM   435 H H8     . DG  B 2 2  ? 8.520   -1.627  10.908  1.00 0.00 ? 2  DG  B H8     1 
ATOM   436 H H1     . DG  B 2 2  ? 6.504   -7.438  9.050   1.00 0.00 ? 2  DG  B H1     1 
ATOM   437 H H21    . DG  B 2 2  ? 8.011   -8.255  7.688   1.00 0.00 ? 2  DG  B H21    1 
ATOM   438 H H22    . DG  B 2 2  ? 9.560   -7.423  7.500   1.00 0.00 ? 2  DG  B H22    1 
ATOM   439 P P      . DT  B 2 3  ? 13.594  -1.900  7.063   1.00 0.00 ? 3  DT  B P      1 
ATOM   440 O OP1    . DT  B 2 3  ? 15.016  -2.165  6.759   1.00 0.00 ? 3  DT  B OP1    1 
ATOM   441 O OP2    . DT  B 2 3  ? 13.020  -0.559  6.818   1.00 0.00 ? 3  DT  B OP2    1 
ATOM   442 O "O5'"  . DT  B 2 3  ? 12.695  -2.980  6.263   1.00 0.00 ? 3  DT  B "O5'"  1 
ATOM   443 C "C5'"  . DT  B 2 3  ? 13.038  -4.359  6.265   1.00 0.00 ? 3  DT  B "C5'"  1 
ATOM   444 C "C4'"  . DT  B 2 3  ? 12.094  -5.195  5.385   1.00 0.00 ? 3  DT  B "C4'"  1 
ATOM   445 O "O4'"  . DT  B 2 3  ? 10.799  -5.256  5.965   1.00 0.00 ? 3  DT  B "O4'"  1 
ATOM   446 C "C3'"  . DT  B 2 3  ? 11.934  -4.636  3.957   1.00 0.00 ? 3  DT  B "C3'"  1 
ATOM   447 O "O3'"  . DT  B 2 3  ? 11.949  -5.720  3.050   1.00 0.00 ? 3  DT  B "O3'"  1 
ATOM   448 C "C2'"  . DT  B 2 3  ? 10.558  -3.988  4.035   1.00 0.00 ? 3  DT  B "C2'"  1 
ATOM   449 C "C1'"  . DT  B 2 3  ? 9.847   -4.968  4.968   1.00 0.00 ? 3  DT  B "C1'"  1 
ATOM   450 N N1     . DT  B 2 3  ? 8.648   -4.425  5.637   1.00 0.00 ? 3  DT  B N1     1 
ATOM   451 C C2     . DT  B 2 3  ? 7.601   -5.315  5.845   1.00 0.00 ? 3  DT  B C2     1 
ATOM   452 O O2     . DT  B 2 3  ? 7.557   -6.451  5.400   1.00 0.00 ? 3  DT  B O2     1 
ATOM   453 N N3     . DT  B 2 3  ? 6.539   -4.860  6.554   1.00 0.00 ? 3  DT  B N3     1 
ATOM   454 C C4     . DT  B 2 3  ? 6.362   -3.576  6.969   1.00 0.00 ? 3  DT  B C4     1 
ATOM   455 O O4     . DT  B 2 3  ? 5.264   -3.253  7.384   1.00 0.00 ? 3  DT  B O4     1 
ATOM   456 C C5     . DT  B 2 3  ? 7.534   -2.708  6.863   1.00 0.00 ? 3  DT  B C5     1 
ATOM   457 C C7     . DT  B 2 3  ? 7.546   -1.295  7.471   1.00 0.00 ? 3  DT  B C7     1 
ATOM   458 C C6     . DT  B 2 3  ? 8.629   -3.164  6.202   1.00 0.00 ? 3  DT  B C6     1 
ATOM   459 H "H5'"  . DT  B 2 3  ? 13.010  -4.759  7.283   1.00 0.00 ? 3  DT  B "H5'"  1 
ATOM   460 H "H5''" . DT  B 2 3  ? 14.048  -4.488  5.872   1.00 0.00 ? 3  DT  B "H5''" 1 
ATOM   461 H "H4'"  . DT  B 2 3  ? 12.499  -6.209  5.352   1.00 0.00 ? 3  DT  B "H4'"  1 
ATOM   462 H "H3'"  . DT  B 2 3  ? 12.717  -3.914  3.708   1.00 0.00 ? 3  DT  B "H3'"  1 
ATOM   463 H "H2'"  . DT  B 2 3  ? 10.694  -3.006  4.483   1.00 0.00 ? 3  DT  B "H2'"  1 
ATOM   464 H "H2''" . DT  B 2 3  ? 10.033  -3.874  3.090   1.00 0.00 ? 3  DT  B "H2''" 1 
ATOM   465 H "H1'"  . DT  B 2 3  ? 9.640   -5.865  4.380   1.00 0.00 ? 3  DT  B "H1'"  1 
ATOM   466 H H3     . DT  B 2 3  ? 5.775   -5.503  6.668   1.00 0.00 ? 3  DT  B H3     1 
ATOM   467 H H71    . DT  B 2 3  ? 8.553   -0.903  7.601   1.00 0.00 ? 3  DT  B H71    1 
ATOM   468 H H72    . DT  B 2 3  ? 6.989   -0.610  6.831   1.00 0.00 ? 3  DT  B H72    1 
ATOM   469 H H73    . DT  B 2 3  ? 7.055   -1.293  8.447   1.00 0.00 ? 3  DT  B H73    1 
ATOM   470 H H6     . DT  B 2 3  ? 9.493   -2.522  6.146   1.00 0.00 ? 3  DT  B H6     1 
ATOM   471 P P      . DA  B 2 4  ? 11.699  -5.552  1.473   1.00 0.00 ? 4  DA  B P      1 
ATOM   472 O OP1    . DA  B 2 4  ? 12.611  -6.467  0.755   1.00 0.00 ? 4  DA  B OP1    1 
ATOM   473 O OP2    . DA  B 2 4  ? 11.663  -4.115  1.127   1.00 0.00 ? 4  DA  B OP2    1 
ATOM   474 O "O5'"  . DA  B 2 4  ? 10.199  -6.142  1.359   1.00 0.00 ? 4  DA  B "O5'"  1 
ATOM   475 C "C5'"  . DA  B 2 4  ? 9.938   -7.512  1.636   1.00 0.00 ? 4  DA  B "C5'"  1 
ATOM   476 C "C4'"  . DA  B 2 4  ? 8.469   -7.883  1.395   1.00 0.00 ? 4  DA  B "C4'"  1 
ATOM   477 O "O4'"  . DA  B 2 4  ? 7.628   -7.306  2.382   1.00 0.00 ? 4  DA  B "O4'"  1 
ATOM   478 C "C3'"  . DA  B 2 4  ? 7.945   -7.424  0.019   1.00 0.00 ? 4  DA  B "C3'"  1 
ATOM   479 O "O3'"  . DA  B 2 4  ? 7.266   -8.512  -0.569  1.00 0.00 ? 4  DA  B "O3'"  1 
ATOM   480 C "C2'"  . DA  B 2 4  ? 6.992   -6.304  0.419   1.00 0.00 ? 4  DA  B "C2'"  1 
ATOM   481 C "C1'"  . DA  B 2 4  ? 6.461   -6.833  1.749   1.00 0.00 ? 4  DA  B "C1'"  1 
ATOM   482 N N9     . DA  B 2 4  ? 5.889   -5.780  2.591   1.00 0.00 ? 4  DA  B N9     1 
ATOM   483 C C8     . DA  B 2 4  ? 6.454   -4.585  2.954   1.00 0.00 ? 4  DA  B C8     1 
ATOM   484 N N7     . DA  B 2 4  ? 5.735   -3.875  3.776   1.00 0.00 ? 4  DA  B N7     1 
ATOM   485 C C5     . DA  B 2 4  ? 4.613   -4.699  3.984   1.00 0.00 ? 4  DA  B C5     1 
ATOM   486 C C6     . DA  B 2 4  ? 3.432   -4.624  4.749   1.00 0.00 ? 4  DA  B C6     1 
ATOM   487 N N6     . DA  B 2 4  ? 3.140   -3.627  5.543   1.00 0.00 ? 4  DA  B N6     1 
ATOM   488 N N1     . DA  B 2 4  ? 2.513   -5.591  4.733   1.00 0.00 ? 4  DA  B N1     1 
ATOM   489 C C2     . DA  B 2 4  ? 2.757   -6.664  3.999   1.00 0.00 ? 4  DA  B C2     1 
ATOM   490 N N3     . DA  B 2 4  ? 3.817   -6.888  3.236   1.00 0.00 ? 4  DA  B N3     1 
ATOM   491 C C4     . DA  B 2 4  ? 4.712   -5.863  3.279   1.00 0.00 ? 4  DA  B C4     1 
ATOM   492 H "H5'"  . DA  B 2 4  ? 10.191  -7.753  2.673   1.00 0.00 ? 4  DA  B "H5'"  1 
ATOM   493 H "H5''" . DA  B 2 4  ? 10.542  -8.140  0.978   1.00 0.00 ? 4  DA  B "H5''" 1 
ATOM   494 H "H4'"  . DA  B 2 4  ? 8.390   -8.970  1.489   1.00 0.00 ? 4  DA  B "H4'"  1 
ATOM   495 H "H3'"  . DA  B 2 4  ? 8.744   -7.064  -0.634  1.00 0.00 ? 4  DA  B "H3'"  1 
ATOM   496 H "H2'"  . DA  B 2 4  ? 7.581   -5.399  0.576   1.00 0.00 ? 4  DA  B "H2'"  1 
ATOM   497 H "H2''" . DA  B 2 4  ? 6.202   -6.090  -0.293  1.00 0.00 ? 4  DA  B "H2''" 1 
ATOM   498 H "H1'"  . DA  B 2 4  ? 5.754   -7.645  1.565   1.00 0.00 ? 4  DA  B "H1'"  1 
ATOM   499 H H8     . DA  B 2 4  ? 7.423   -4.259  2.608   1.00 0.00 ? 4  DA  B H8     1 
ATOM   500 H H61    . DA  B 2 4  ? 2.294   -3.702  6.073   1.00 0.00 ? 4  DA  B H61    1 
ATOM   501 H H62    . DA  B 2 4  ? 3.869   -2.984  5.800   1.00 0.00 ? 4  DA  B H62    1 
ATOM   502 H H2     . DA  B 2 4  ? 2.007   -7.437  4.017   1.00 0.00 ? 4  DA  B H2     1 
ATOM   503 P P      . DA  B 2 5  ? 6.524   -8.437  -1.991  1.00 0.00 ? 5  DA  B P      1 
ATOM   504 O OP1    . DA  B 2 5  ? 6.906   -9.625  -2.783  1.00 0.00 ? 5  DA  B OP1    1 
ATOM   505 O OP2    . DA  B 2 5  ? 6.667   -7.080  -2.563  1.00 0.00 ? 5  DA  B OP2    1 
ATOM   506 O "O5'"  . DA  B 2 5  ? 4.999   -8.625  -1.498  1.00 0.00 ? 5  DA  B "O5'"  1 
ATOM   507 C "C5'"  . DA  B 2 5  ? 4.602   -9.805  -0.808  1.00 0.00 ? 5  DA  B "C5'"  1 
ATOM   508 C "C4'"  . DA  B 2 5  ? 3.112   -9.773  -0.442  1.00 0.00 ? 5  DA  B "C4'"  1 
ATOM   509 O "O4'"  . DA  B 2 5  ? 2.868   -8.735  0.493   1.00 0.00 ? 5  DA  B "O4'"  1 
ATOM   510 C "C3'"  . DA  B 2 5  ? 2.214   -9.532  -1.666  1.00 0.00 ? 5  DA  B "C3'"  1 
ATOM   511 O "O3'"  . DA  B 2 5  ? 1.117   -10.419 -1.616  1.00 0.00 ? 5  DA  B "O3'"  1 
ATOM   512 C "C2'"  . DA  B 2 5  ? 1.780   -8.086  -1.463  1.00 0.00 ? 5  DA  B "C2'"  1 
ATOM   513 C "C1'"  . DA  B 2 5  ? 1.772   -7.961  0.060   1.00 0.00 ? 5  DA  B "C1'"  1 
ATOM   514 N N9     . DA  B 2 5  ? 2.029   -6.579  0.477   1.00 0.00 ? 5  DA  B N9     1 
ATOM   515 C C8     . DA  B 2 5  ? 3.172   -5.851  0.285   1.00 0.00 ? 5  DA  B C8     1 
ATOM   516 N N7     . DA  B 2 5  ? 3.173   -4.677  0.849   1.00 0.00 ? 5  DA  B N7     1 
ATOM   517 C C5     . DA  B 2 5  ? 1.928   -4.664  1.504   1.00 0.00 ? 5  DA  B C5     1 
ATOM   518 C C6     . DA  B 2 5  ? 1.266   -3.788  2.385   1.00 0.00 ? 5  DA  B C6     1 
ATOM   519 N N6     . DA  B 2 5  ? 1.793   -2.668  2.801   1.00 0.00 ? 5  DA  B N6     1 
ATOM   520 N N1     . DA  B 2 5  ? 0.086   -4.085  2.926   1.00 0.00 ? 5  DA  B N1     1 
ATOM   521 C C2     . DA  B 2 5  ? -0.474  -5.237  2.594   1.00 0.00 ? 5  DA  B C2     1 
ATOM   522 N N3     . DA  B 2 5  ? 0.010   -6.153  1.765   1.00 0.00 ? 5  DA  B N3     1 
ATOM   523 C C4     . DA  B 2 5  ? 1.231   -5.816  1.278   1.00 0.00 ? 5  DA  B C4     1 
ATOM   524 H "H5'"  . DA  B 2 5  ? 5.175   -9.925  0.115   1.00 0.00 ? 5  DA  B "H5'"  1 
ATOM   525 H "H5''" . DA  B 2 5  ? 4.774   -10.680 -1.438  1.00 0.00 ? 5  DA  B "H5''" 1 
ATOM   526 H "H4'"  . DA  B 2 5  ? 2.865   -10.726 0.031   1.00 0.00 ? 5  DA  B "H4'"  1 
ATOM   527 H "H3'"  . DA  B 2 5  ? 2.773   -9.656  -2.598  1.00 0.00 ? 5  DA  B "H3'"  1 
ATOM   528 H "H2'"  . DA  B 2 5  ? 2.542   -7.438  -1.897  1.00 0.00 ? 5  DA  B "H2'"  1 
ATOM   529 H "H2''" . DA  B 2 5  ? 0.812   -7.840  -1.887  1.00 0.00 ? 5  DA  B "H2''" 1 
ATOM   530 H "H1'"  . DA  B 2 5  ? 0.847   -8.368  0.473   1.00 0.00 ? 5  DA  B "H1'"  1 
ATOM   531 H H8     . DA  B 2 5  ? 4.009   -6.224  -0.280  1.00 0.00 ? 5  DA  B H8     1 
ATOM   532 H H61    . DA  B 2 5  ? 1.306   -2.169  3.521   1.00 0.00 ? 5  DA  B H61    1 
ATOM   533 H H62    . DA  B 2 5  ? 2.685   -2.376  2.450   1.00 0.00 ? 5  DA  B H62    1 
ATOM   534 H H2     . DA  B 2 5  ? -1.441  -5.445  3.021   1.00 0.00 ? 5  DA  B H2     1 
ATOM   535 P P      . DC  B 2 6  ? 0.030   -10.521 -2.797  1.00 0.00 ? 6  DC  B P      1 
ATOM   536 O OP1    . DC  B 2 6  ? -0.577  -11.868 -2.757  1.00 0.00 ? 6  DC  B OP1    1 
ATOM   537 O OP2    . DC  B 2 6  ? 0.625   -10.006 -4.049  1.00 0.00 ? 6  DC  B OP2    1 
ATOM   538 O "O5'"  . DC  B 2 6  ? -1.067  -9.459  -2.290  1.00 0.00 ? 6  DC  B "O5'"  1 
ATOM   539 C "C5'"  . DC  B 2 6  ? -1.793  -9.675  -1.090  1.00 0.00 ? 6  DC  B "C5'"  1 
ATOM   540 C "C4'"  . DC  B 2 6  ? -2.649  -8.449  -0.762  1.00 0.00 ? 6  DC  B "C4'"  1 
ATOM   541 O "O4'"  . DC  B 2 6  ? -1.833  -7.322  -0.495  1.00 0.00 ? 6  DC  B "O4'"  1 
ATOM   542 C "C3'"  . DC  B 2 6  ? -3.610  -8.046  -1.899  1.00 0.00 ? 6  DC  B "C3'"  1 
ATOM   543 O "O3'"  . DC  B 2 6  ? -4.934  -8.155  -1.419  1.00 0.00 ? 6  DC  B "O3'"  1 
ATOM   544 C "C2'"  . DC  B 2 6  ? -3.199  -6.603  -2.191  1.00 0.00 ? 6  DC  B "C2'"  1 
ATOM   545 C "C1'"  . DC  B 2 6  ? -2.557  -6.179  -0.877  1.00 0.00 ? 6  DC  B "C1'"  1 
ATOM   546 N N1     . DC  B 2 6  ? -1.599  -5.061  -1.013  1.00 0.00 ? 6  DC  B N1     1 
ATOM   547 C C2     . DC  B 2 6  ? -1.713  -4.008  -0.126  1.00 0.00 ? 6  DC  B C2     1 
ATOM   548 O O2     . DC  B 2 6  ? -2.676  -3.926  0.621   1.00 0.00 ? 6  DC  B O2     1 
ATOM   549 N N3     . DC  B 2 6  ? -0.781  -3.036  -0.065  1.00 0.00 ? 6  DC  B N3     1 
ATOM   550 C C4     . DC  B 2 6  ? 0.235   -3.093  -0.889  1.00 0.00 ? 6  DC  B C4     1 
ATOM   551 N N4     . DC  B 2 6  ? 1.125   -2.164  -0.749  1.00 0.00 ? 6  DC  B N4     1 
ATOM   552 C C5     . DC  B 2 6  ? 0.446   -4.168  -1.789  1.00 0.00 ? 6  DC  B C5     1 
ATOM   553 C C6     . DC  B 2 6  ? -0.499  -5.132  -1.828  1.00 0.00 ? 6  DC  B C6     1 
ATOM   554 H "H5'"  . DC  B 2 6  ? -1.118  -9.853  -0.250  1.00 0.00 ? 6  DC  B "H5'"  1 
ATOM   555 H "H5''" . DC  B 2 6  ? -2.451  -10.539 -1.201  1.00 0.00 ? 6  DC  B "H5''" 1 
ATOM   556 H "H4'"  . DC  B 2 6  ? -3.209  -8.667  0.152   1.00 0.00 ? 6  DC  B "H4'"  1 
ATOM   557 H "H3'"  . DC  B 2 6  ? -3.476  -8.667  -2.788  1.00 0.00 ? 6  DC  B "H3'"  1 
ATOM   558 H "H2'"  . DC  B 2 6  ? -2.463  -6.608  -2.993  1.00 0.00 ? 6  DC  B "H2'"  1 
ATOM   559 H "H2''" . DC  B 2 6  ? -4.018  -5.945  -2.462  1.00 0.00 ? 6  DC  B "H2''" 1 
ATOM   560 H "H1'"  . DC  B 2 6  ? -3.373  -6.006  -0.169  1.00 0.00 ? 6  DC  B "H1'"  1 
ATOM   561 H H41    . DC  B 2 6  ? 0.933   -1.501  -0.019  1.00 0.00 ? 6  DC  B H41    1 
ATOM   562 H H42    . DC  B 2 6  ? 1.992   -2.169  -1.243  1.00 0.00 ? 6  DC  B H42    1 
ATOM   563 H H5     . DC  B 2 6  ? 1.314   -4.219  -2.422  1.00 0.00 ? 6  DC  B H5     1 
ATOM   564 H H6     . DC  B 2 6  ? -0.374  -5.977  -2.493  1.00 0.00 ? 6  DC  B H6     1 
ATOM   565 P P      . DA  B 2 7  ? -6.220  -7.722  -2.281  1.00 0.00 ? 7  DA  B P      1 
ATOM   566 O OP1    . DA  B 2 7  ? -7.334  -8.636  -1.954  1.00 0.00 ? 7  DA  B OP1    1 
ATOM   567 O OP2    . DA  B 2 7  ? -5.818  -7.505  -3.688  1.00 0.00 ? 7  DA  B OP2    1 
ATOM   568 O "O5'"  . DA  B 2 7  ? -6.523  -6.289  -1.606  1.00 0.00 ? 7  DA  B "O5'"  1 
ATOM   569 C "C5'"  . DA  B 2 7  ? -6.882  -6.192  -0.234  1.00 0.00 ? 7  DA  B "C5'"  1 
ATOM   570 C "C4'"  . DA  B 2 7  ? -7.132  -4.736  0.177   1.00 0.00 ? 7  DA  B "C4'"  1 
ATOM   571 O "O4'"  . DA  B 2 7  ? -5.914  -4.003  0.155   1.00 0.00 ? 7  DA  B "O4'"  1 
ATOM   572 C "C3'"  . DA  B 2 7  ? -8.122  -4.023  -0.762  1.00 0.00 ? 7  DA  B "C3'"  1 
ATOM   573 O "O3'"  . DA  B 2 7  ? -9.026  -3.266  0.011   1.00 0.00 ? 7  DA  B "O3'"  1 
ATOM   574 C "C2'"  . DA  B 2 7  ? -7.198  -3.108  -1.549  1.00 0.00 ? 7  DA  B "C2'"  1 
ATOM   575 C "C1'"  . DA  B 2 7  ? -6.143  -2.772  -0.495  1.00 0.00 ? 7  DA  B "C1'"  1 
ATOM   576 N N9     . DA  B 2 7  ? -4.888  -2.330  -1.105  1.00 0.00 ? 7  DA  B N9     1 
ATOM   577 C C8     . DA  B 2 7  ? -4.174  -2.935  -2.104  1.00 0.00 ? 7  DA  B C8     1 
ATOM   578 N N7     . DA  B 2 7  ? -3.046  -2.354  -2.400  1.00 0.00 ? 7  DA  B N7     1 
ATOM   579 C C5     . DA  B 2 7  ? -3.030  -1.266  -1.506  1.00 0.00 ? 7  DA  B C5     1 
ATOM   580 C C6     . DA  B 2 7  ? -2.159  -0.190  -1.241  1.00 0.00 ? 7  DA  B C6     1 
ATOM   581 N N6     . DA  B 2 7  ? -1.069  0.064   -1.927  1.00 0.00 ? 7  DA  B N6     1 
ATOM   582 N N1     . DA  B 2 7  ? -2.440  0.724   -0.317  1.00 0.00 ? 7  DA  B N1     1 
ATOM   583 C C2     . DA  B 2 7  ? -3.561  0.599   0.372   1.00 0.00 ? 7  DA  B C2     1 
ATOM   584 N N3     . DA  B 2 7  ? -4.485  -0.341  0.234   1.00 0.00 ? 7  DA  B N3     1 
ATOM   585 C C4     . DA  B 2 7  ? -4.149  -1.249  -0.720  1.00 0.00 ? 7  DA  B C4     1 
ATOM   586 H "H5'"  . DA  B 2 7  ? -6.094  -6.600  0.403   1.00 0.00 ? 7  DA  B "H5'"  1 
ATOM   587 H "H5''" . DA  B 2 7  ? -7.803  -6.752  -0.053  1.00 0.00 ? 7  DA  B "H5''" 1 
ATOM   588 H "H4'"  . DA  B 2 7  ? -7.516  -4.743  1.201   1.00 0.00 ? 7  DA  B "H4'"  1 
ATOM   589 H "H3'"  . DA  B 2 7  ? -8.651  -4.729  -1.408  1.00 0.00 ? 7  DA  B "H3'"  1 
ATOM   590 H "H2'"  . DA  B 2 7  ? -6.770  -3.690  -2.365  1.00 0.00 ? 7  DA  B "H2'"  1 
ATOM   591 H "H2''" . DA  B 2 7  ? -7.663  -2.214  -1.954  1.00 0.00 ? 7  DA  B "H2''" 1 
ATOM   592 H "H1'"  . DA  B 2 7  ? -6.541  -2.039  0.210   1.00 0.00 ? 7  DA  B "H1'"  1 
ATOM   593 H H8     . DA  B 2 7  ? -4.514  -3.826  -2.603  1.00 0.00 ? 7  DA  B H8     1 
ATOM   594 H H61    . DA  B 2 7  ? -0.676  0.985   -1.825  1.00 0.00 ? 7  DA  B H61    1 
ATOM   595 H H62    . DA  B 2 7  ? -0.809  -0.560  -2.667  1.00 0.00 ? 7  DA  B H62    1 
ATOM   596 H H2     . DA  B 2 7  ? -3.763  1.353   1.115   1.00 0.00 ? 7  DA  B H2     1 
ATOM   597 P P      . DA  B 2 8  ? -10.286 -2.505  -0.634  1.00 0.00 ? 8  DA  B P      1 
ATOM   598 O OP1    . DA  B 2 8  ? -11.499 -2.911  0.106   1.00 0.00 ? 8  DA  B OP1    1 
ATOM   599 O OP2    . DA  B 2 8  ? -10.234 -2.620  -2.108  1.00 0.00 ? 8  DA  B OP2    1 
ATOM   600 O "O5'"  . DA  B 2 8  ? -9.926  -0.987  -0.233  1.00 0.00 ? 8  DA  B "O5'"  1 
ATOM   601 C "C5'"  . DA  B 2 8  ? -9.874  -0.581  1.126   1.00 0.00 ? 8  DA  B "C5'"  1 
ATOM   602 C "C4'"  . DA  B 2 8  ? -9.566  0.918   1.252   1.00 0.00 ? 8  DA  B "C4'"  1 
ATOM   603 O "O4'"  . DA  B 2 8  ? -8.234  1.175   0.835   1.00 0.00 ? 8  DA  B "O4'"  1 
ATOM   604 C "C3'"  . DA  B 2 8  ? -10.502 1.792   0.399   1.00 0.00 ? 8  DA  B "C3'"  1 
ATOM   605 O "O3'"  . DA  B 2 8  ? -10.793 2.966   1.127   1.00 0.00 ? 8  DA  B "O3'"  1 
ATOM   606 C "C2'"  . DA  B 2 8  ? -9.624  2.076   -0.811  1.00 0.00 ? 8  DA  B "C2'"  1 
ATOM   607 C "C1'"  . DA  B 2 8  ? -8.239  2.174   -0.162  1.00 0.00 ? 8  DA  B "C1'"  1 
ATOM   608 N N9     . DA  B 2 8  ? -7.147  1.850   -1.086  1.00 0.00 ? 8  DA  B N9     1 
ATOM   609 C C8     . DA  B 2 8  ? -7.048  0.795   -1.957  1.00 0.00 ? 8  DA  B C8     1 
ATOM   610 N N7     . DA  B 2 8  ? -5.938  0.751   -2.638  1.00 0.00 ? 8  DA  B N7     1 
ATOM   611 C C5     . DA  B 2 8  ? -5.237  1.860   -2.133  1.00 0.00 ? 8  DA  B C5     1 
ATOM   612 C C6     . DA  B 2 8  ? -3.981  2.449   -2.370  1.00 0.00 ? 8  DA  B C6     1 
ATOM   613 N N6     . DA  B 2 8  ? -3.133  2.021   -3.272  1.00 0.00 ? 8  DA  B N6     1 
ATOM   614 N N1     . DA  B 2 8  ? -3.549  3.487   -1.661  1.00 0.00 ? 8  DA  B N1     1 
ATOM   615 C C2     . DA  B 2 8  ? -4.338  3.977   -0.722  1.00 0.00 ? 8  DA  B C2     1 
ATOM   616 N N3     . DA  B 2 8  ? -5.561  3.567   -0.412  1.00 0.00 ? 8  DA  B N3     1 
ATOM   617 C C4     . DA  B 2 8  ? -5.944  2.492   -1.149  1.00 0.00 ? 8  DA  B C4     1 
ATOM   618 H "H5'"  . DA  B 2 8  ? -9.105  -1.140  1.665   1.00 0.00 ? 8  DA  B "H5'"  1 
ATOM   619 H "H5''" . DA  B 2 8  ? -10.838 -0.764  1.605   1.00 0.00 ? 8  DA  B "H5''" 1 
ATOM   620 H "H4'"  . DA  B 2 8  ? -9.653  1.182   2.308   1.00 0.00 ? 8  DA  B "H4'"  1 
ATOM   621 H "H3'"  . DA  B 2 8  ? -11.420 1.265   0.124   1.00 0.00 ? 8  DA  B "H3'"  1 
ATOM   622 H "H2'"  . DA  B 2 8  ? -9.673  1.218   -1.481  1.00 0.00 ? 8  DA  B "H2'"  1 
ATOM   623 H "H2''" . DA  B 2 8  ? -9.910  2.963   -1.367  1.00 0.00 ? 8  DA  B "H2''" 1 
ATOM   624 H "H1'"  . DA  B 2 8  ? -8.120  3.160   0.293   1.00 0.00 ? 8  DA  B "H1'"  1 
ATOM   625 H H8     . DA  B 2 8  ? -7.830  0.068   -2.099  1.00 0.00 ? 8  DA  B H8     1 
ATOM   626 H H61    . DA  B 2 8  ? -2.233  2.467   -3.290  1.00 0.00 ? 8  DA  B H61    1 
ATOM   627 H H62    . DA  B 2 8  ? -3.387  1.265   -3.877  1.00 0.00 ? 8  DA  B H62    1 
ATOM   628 H H2     . DA  B 2 8  ? -3.961  4.825   -0.170  1.00 0.00 ? 8  DA  B H2     1 
ATOM   629 P P      . DT  B 2 9  ? -11.657 4.189   0.533   1.00 0.00 ? 9  DT  B P      1 
ATOM   630 O OP1    . DT  B 2 9  ? -12.489 4.740   1.623   1.00 0.00 ? 9  DT  B OP1    1 
ATOM   631 O OP2    . DT  B 2 9  ? -12.278 3.778   -0.746  1.00 0.00 ? 9  DT  B OP2    1 
ATOM   632 O "O5'"  . DT  B 2 9  ? -10.472 5.240   0.216   1.00 0.00 ? 9  DT  B "O5'"  1 
ATOM   633 C "C5'"  . DT  B 2 9  ? -9.686  5.791   1.265   1.00 0.00 ? 9  DT  B "C5'"  1 
ATOM   634 C "C4'"  . DT  B 2 9  ? -8.594  6.730   0.731   1.00 0.00 ? 9  DT  B "C4'"  1 
ATOM   635 O "O4'"  . DT  B 2 9  ? -7.683  6.008   -0.084  1.00 0.00 ? 9  DT  B "O4'"  1 
ATOM   636 C "C3'"  . DT  B 2 9  ? -9.149  7.894   -0.114  1.00 0.00 ? 9  DT  B "C3'"  1 
ATOM   637 O "O3'"  . DT  B 2 9  ? -8.580  9.112   0.319   1.00 0.00 ? 9  DT  B "O3'"  1 
ATOM   638 C "C2'"  . DT  B 2 9  ? -8.659  7.534   -1.509  1.00 0.00 ? 9  DT  B "C2'"  1 
ATOM   639 C "C1'"  . DT  B 2 9  ? -7.349  6.812   -1.192  1.00 0.00 ? 9  DT  B "C1'"  1 
ATOM   640 N N1     . DT  B 2 9  ? -6.928  5.929   -2.298  1.00 0.00 ? 9  DT  B N1     1 
ATOM   641 C C2     . DT  B 2 9  ? -5.649  6.091   -2.816  1.00 0.00 ? 9  DT  B C2     1 
ATOM   642 O O2     . DT  B 2 9  ? -4.870  6.962   -2.475  1.00 0.00 ? 9  DT  B O2     1 
ATOM   643 N N3     . DT  B 2 9  ? -5.262  5.197   -3.767  1.00 0.00 ? 9  DT  B N3     1 
ATOM   644 C C4     . DT  B 2 9  ? -6.035  4.208   -4.296  1.00 0.00 ? 9  DT  B C4     1 
ATOM   645 O O4     . DT  B 2 9  ? -5.529  3.485   -5.143  1.00 0.00 ? 9  DT  B O4     1 
ATOM   646 C C5     . DT  B 2 9  ? -7.367  4.049   -3.702  1.00 0.00 ? 9  DT  B C5     1 
ATOM   647 C C7     . DT  B 2 9  ? -8.354  2.943   -4.121  1.00 0.00 ? 9  DT  B C7     1 
ATOM   648 C C6     . DT  B 2 9  ? -7.750  4.910   -2.723  1.00 0.00 ? 9  DT  B C6     1 
ATOM   649 H "H5'"  . DT  B 2 9  ? -9.199  4.996   1.836   1.00 0.00 ? 9  DT  B "H5'"  1 
ATOM   650 H "H5''" . DT  B 2 9  ? -10.321 6.365   1.945   1.00 0.00 ? 9  DT  B "H5''" 1 
ATOM   651 H "H4'"  . DT  B 2 9  ? -8.042  7.120   1.587   1.00 0.00 ? 9  DT  B "H4'"  1 
ATOM   652 H "H3'"  . DT  B 2 9  ? -10.241 7.937   -0.065  1.00 0.00 ? 9  DT  B "H3'"  1 
ATOM   653 H "H2'"  . DT  B 2 9  ? -9.399  6.864   -1.950  1.00 0.00 ? 9  DT  B "H2'"  1 
ATOM   654 H "H2''" . DT  B 2 9  ? -8.503  8.374   -2.181  1.00 0.00 ? 9  DT  B "H2''" 1 
ATOM   655 H "H1'"  . DT  B 2 9  ? -6.596  7.542   -0.882  1.00 0.00 ? 9  DT  B "H1'"  1 
ATOM   656 H H3     . DT  B 2 9  ? -4.326  5.295   -4.118  1.00 0.00 ? 9  DT  B H3     1 
ATOM   657 H H71    . DT  B 2 9  ? -9.158  3.357   -4.731  1.00 0.00 ? 9  DT  B H71    1 
ATOM   658 H H72    . DT  B 2 9  ? -7.859  2.161   -4.701  1.00 0.00 ? 9  DT  B H72    1 
ATOM   659 H H73    . DT  B 2 9  ? -8.821  2.462   -3.269  1.00 0.00 ? 9  DT  B H73    1 
ATOM   660 H H6     . DT  B 2 9  ? -8.709  4.774   -2.248  1.00 0.00 ? 9  DT  B H6     1 
ATOM   661 P P      . DG  B 2 10 ? -8.973  10.529  -0.341  1.00 0.00 ? 10 DG  B P      1 
ATOM   662 O OP1    . DG  B 2 10 ? -8.871  11.566  0.709   1.00 0.00 ? 10 DG  B OP1    1 
ATOM   663 O OP2    . DG  B 2 10 ? -10.222 10.373  -1.117  1.00 0.00 ? 10 DG  B OP2    1 
ATOM   664 O "O5'"  . DG  B 2 10 ? -7.757  10.745  -1.378  1.00 0.00 ? 10 DG  B "O5'"  1 
ATOM   665 C "C5'"  . DG  B 2 10 ? -6.432  10.958  -0.919  1.00 0.00 ? 10 DG  B "C5'"  1 
ATOM   666 C "C4'"  . DG  B 2 10 ? -5.458  11.130  -2.092  1.00 0.00 ? 10 DG  B "C4'"  1 
ATOM   667 O "O4'"  . DG  B 2 10 ? -5.336  9.917   -2.816  1.00 0.00 ? 10 DG  B "O4'"  1 
ATOM   668 C "C3'"  . DG  B 2 10 ? -5.890  12.218  -3.097  1.00 0.00 ? 10 DG  B "C3'"  1 
ATOM   669 O "O3'"  . DG  B 2 10 ? -4.788  13.070  -3.339  1.00 0.00 ? 10 DG  B "O3'"  1 
ATOM   670 C "C2'"  . DG  B 2 10 ? -6.225  11.387  -4.329  1.00 0.00 ? 10 DG  B "C2'"  1 
ATOM   671 C "C1'"  . DG  B 2 10 ? -5.226  10.244  -4.182  1.00 0.00 ? 10 DG  B "C1'"  1 
ATOM   672 N N9     . DG  B 2 10 ? -5.576  9.067   -4.983  1.00 0.00 ? 10 DG  B N9     1 
ATOM   673 C C8     . DG  B 2 10 ? -6.739  8.347   -4.984  1.00 0.00 ? 10 DG  B C8     1 
ATOM   674 N N7     . DG  B 2 10 ? -6.701  7.267   -5.709  1.00 0.00 ? 10 DG  B N7     1 
ATOM   675 C C5     . DG  B 2 10 ? -5.403  7.292   -6.250  1.00 0.00 ? 10 DG  B C5     1 
ATOM   676 C C6     . DG  B 2 10 ? -4.696  6.420   -7.144  1.00 0.00 ? 10 DG  B C6     1 
ATOM   677 O O6     . DG  B 2 10 ? -5.046  5.340   -7.588  1.00 0.00 ? 10 DG  B O6     1 
ATOM   678 N N1     . DG  B 2 10 ? -3.451  6.865   -7.522  1.00 0.00 ? 10 DG  B N1     1 
ATOM   679 C C2     . DG  B 2 10 ? -2.920  8.005   -7.069  1.00 0.00 ? 10 DG  B C2     1 
ATOM   680 N N2     . DG  B 2 10 ? -1.756  8.335   -7.520  1.00 0.00 ? 10 DG  B N2     1 
ATOM   681 N N3     . DG  B 2 10 ? -3.489  8.821   -6.203  1.00 0.00 ? 10 DG  B N3     1 
ATOM   682 C C4     . DG  B 2 10 ? -4.731  8.411   -5.832  1.00 0.00 ? 10 DG  B C4     1 
ATOM   683 H "H5'"  . DG  B 2 10 ? -6.094  10.115  -0.312  1.00 0.00 ? 10 DG  B "H5'"  1 
ATOM   684 H "H5''" . DG  B 2 10 ? -6.389  11.867  -0.315  1.00 0.00 ? 10 DG  B "H5''" 1 
ATOM   685 H "H4'"  . DG  B 2 10 ? -4.478  11.368  -1.674  1.00 0.00 ? 10 DG  B "H4'"  1 
ATOM   686 H "H3'"  . DG  B 2 10 ? -6.755  12.786  -2.746  1.00 0.00 ? 10 DG  B "H3'"  1 
ATOM   687 H "H2'"  . DG  B 2 10 ? -7.247  11.014  -4.232  1.00 0.00 ? 10 DG  B "H2'"  1 
ATOM   688 H "H2''" . DG  B 2 10 ? -6.123  11.905  -5.275  1.00 0.00 ? 10 DG  B "H2''" 1 
ATOM   689 H "H1'"  . DG  B 2 10 ? -4.217  10.602  -4.402  1.00 0.00 ? 10 DG  B "H1'"  1 
ATOM   690 H H8     . DG  B 2 10 ? -7.614  8.633   -4.422  1.00 0.00 ? 10 DG  B H8     1 
ATOM   691 H H1     . DG  B 2 10 ? -2.946  6.281   -8.164  1.00 0.00 ? 10 DG  B H1     1 
ATOM   692 H H21    . DG  B 2 10 ? -1.315  7.783   -8.231  1.00 0.00 ? 10 DG  B H21    1 
ATOM   693 H H22    . DG  B 2 10 ? -1.387  9.192   -7.159  1.00 0.00 ? 10 DG  B H22    1 
ATOM   694 P P      . DC  B 2 11 ? -4.849  14.320  -4.354  1.00 0.00 ? 11 DC  B P      1 
ATOM   695 O OP1    . DC  B 2 11 ? -4.156  15.460  -3.718  1.00 0.00 ? 11 DC  B OP1    1 
ATOM   696 O OP2    . DC  B 2 11 ? -6.230  14.474  -4.861  1.00 0.00 ? 11 DC  B OP2    1 
ATOM   697 O "O5'"  . DC  B 2 11 ? -3.921  13.769  -5.555  1.00 0.00 ? 11 DC  B "O5'"  1 
ATOM   698 C "C5'"  . DC  B 2 11 ? -2.543  13.481  -5.349  1.00 0.00 ? 11 DC  B "C5'"  1 
ATOM   699 C "C4'"  . DC  B 2 11 ? -1.856  13.026  -6.645  1.00 0.00 ? 11 DC  B "C4'"  1 
ATOM   700 O "O4'"  . DC  B 2 11 ? -2.409  11.793  -7.076  1.00 0.00 ? 11 DC  B "O4'"  1 
ATOM   701 C "C3'"  . DC  B 2 11 ? -2.008  14.044  -7.792  1.00 0.00 ? 11 DC  B "C3'"  1 
ATOM   702 O "O3'"  . DC  B 2 11 ? -0.770  14.201  -8.453  1.00 0.00 ? 11 DC  B "O3'"  1 
ATOM   703 C "C2'"  . DC  B 2 11 ? -3.038  13.371  -8.688  1.00 0.00 ? 11 DC  B "C2'"  1 
ATOM   704 C "C1'"  . DC  B 2 11 ? -2.751  11.891  -8.442  1.00 0.00 ? 11 DC  B "C1'"  1 
ATOM   705 N N1     . DC  B 2 11 ? -3.942  11.047  -8.666  1.00 0.00 ? 11 DC  B N1     1 
ATOM   706 C C2     . DC  B 2 11 ? -3.819  9.935   -9.479  1.00 0.00 ? 11 DC  B C2     1 
ATOM   707 O O2     . DC  B 2 11 ? -2.804  9.743   -10.128 1.00 0.00 ? 11 DC  B O2     1 
ATOM   708 N N3     . DC  B 2 11 ? -4.808  9.020   -9.562  1.00 0.00 ? 11 DC  B N3     1 
ATOM   709 C C4     . DC  B 2 11 ? -5.929  9.267   -8.928  1.00 0.00 ? 11 DC  B C4     1 
ATOM   710 N N4     . DC  B 2 11 ? -6.767  8.290   -8.901  1.00 0.00 ? 11 DC  B N4     1 
ATOM   711 C C5     . DC  B 2 11 ? -6.098  10.340  -8.021  1.00 0.00 ? 11 DC  B C5     1 
ATOM   712 C C6     . DC  B 2 11 ? -5.078  11.219  -7.928  1.00 0.00 ? 11 DC  B C6     1 
ATOM   713 H "H5'"  . DC  B 2 11 ? -2.429  12.690  -4.602  1.00 0.00 ? 11 DC  B "H5'"  1 
ATOM   714 H "H5''" . DC  B 2 11 ? -2.024  14.374  -4.991  1.00 0.00 ? 11 DC  B "H5''" 1 
ATOM   715 H "H4'"  . DC  B 2 11 ? -0.799  12.868  -6.421  1.00 0.00 ? 11 DC  B "H4'"  1 
ATOM   716 H "H3'"  . DC  B 2 11 ? -2.366  15.006  -7.417  1.00 0.00 ? 11 DC  B "H3'"  1 
ATOM   717 H "H2'"  . DC  B 2 11 ? -4.029  13.660  -8.341  1.00 0.00 ? 11 DC  B "H2'"  1 
ATOM   718 H "H2''" . DC  B 2 11 ? -2.952  13.613  -9.745  1.00 0.00 ? 11 DC  B "H2''" 1 
ATOM   719 H "H1'"  . DC  B 2 11 ? -1.870  11.612  -9.025  1.00 0.00 ? 11 DC  B "H1'"  1 
ATOM   720 H H41    . DC  B 2 11 ? -6.526  7.521   -9.497  1.00 0.00 ? 11 DC  B H41    1 
ATOM   721 H H42    . DC  B 2 11 ? -7.541  8.281   -8.273  1.00 0.00 ? 11 DC  B H42    1 
ATOM   722 H H5     . DC  B 2 11 ? -6.995  10.461  -7.441  1.00 0.00 ? 11 DC  B H5     1 
ATOM   723 H H6     . DC  B 2 11 ? -5.146  12.051  -7.245  1.00 0.00 ? 11 DC  B H6     1 
ATOM   724 P P      . DG  B 2 12 ? -0.568  15.260  -9.653  1.00 0.00 ? 12 DG  B P      1 
ATOM   725 O OP1    . DG  B 2 12 ? 0.843   15.701  -9.639  1.00 0.00 ? 12 DG  B OP1    1 
ATOM   726 O OP2    . DG  B 2 12 ? -1.662  16.253  -9.609  1.00 0.00 ? 12 DG  B OP2    1 
ATOM   727 O "O5'"  . DG  B 2 12 ? -0.793  14.319  -10.931 1.00 0.00 ? 12 DG  B "O5'"  1 
ATOM   728 C "C5'"  . DG  B 2 12 ? 0.163   13.340  -11.297 1.00 0.00 ? 12 DG  B "C5'"  1 
ATOM   729 C "C4'"  . DG  B 2 12 ? -0.336  12.532  -12.492 1.00 0.00 ? 12 DG  B "C4'"  1 
ATOM   730 O "O4'"  . DG  B 2 12 ? -1.465  11.747  -12.144 1.00 0.00 ? 12 DG  B "O4'"  1 
ATOM   731 C "C3'"  . DG  B 2 12 ? -0.751  13.379  -13.707 1.00 0.00 ? 12 DG  B "C3'"  1 
ATOM   732 O "O3'"  . DG  B 2 12 ? -0.197  12.729  -14.832 1.00 0.00 ? 12 DG  B "O3'"  1 
ATOM   733 C "C2'"  . DG  B 2 12 ? -2.254  13.167  -13.789 1.00 0.00 ? 12 DG  B "C2'"  1 
ATOM   734 C "C1'"  . DG  B 2 12 ? -2.315  11.735  -13.273 1.00 0.00 ? 12 DG  B "C1'"  1 
ATOM   735 N N9     . DG  B 2 12 ? -3.659  11.343  -12.848 1.00 0.00 ? 12 DG  B N9     1 
ATOM   736 C C8     . DG  B 2 12 ? -4.513  11.982  -11.992 1.00 0.00 ? 12 DG  B C8     1 
ATOM   737 N N7     . DG  B 2 12 ? -5.582  11.302  -11.696 1.00 0.00 ? 12 DG  B N7     1 
ATOM   738 C C5     . DG  B 2 12 ? -5.427  10.124  -12.448 1.00 0.00 ? 12 DG  B C5     1 
ATOM   739 C C6     . DG  B 2 12 ? -6.217  8.934   -12.579 1.00 0.00 ? 12 DG  B C6     1 
ATOM   740 O O6     . DG  B 2 12 ? -7.262  8.646   -12.016 1.00 0.00 ? 12 DG  B O6     1 
ATOM   741 N N1     . DG  B 2 12 ? -5.710  8.000   -13.450 1.00 0.00 ? 12 DG  B N1     1 
ATOM   742 C C2     . DG  B 2 12 ? -4.562  8.169   -14.114 1.00 0.00 ? 12 DG  B C2     1 
ATOM   743 N N2     . DG  B 2 12 ? -4.162  7.186   -14.845 1.00 0.00 ? 12 DG  B N2     1 
ATOM   744 N N3     . DG  B 2 12 ? -3.759  9.206   -13.992 1.00 0.00 ? 12 DG  B N3     1 
ATOM   745 C C4     . DG  B 2 12 ? -4.254  10.157  -13.156 1.00 0.00 ? 12 DG  B C4     1 
ATOM   746 H "H5'"  . DG  B 2 12 ? 0.350   12.644  -10.475 1.00 0.00 ? 12 DG  B "H5'"  1 
ATOM   747 H "H5''" . DG  B 2 12 ? 1.106   13.819  -11.576 1.00 0.00 ? 12 DG  B "H5''" 1 
ATOM   748 H "H4'"  . DG  B 2 12 ? 0.477   11.859  -12.776 1.00 0.00 ? 12 DG  B "H4'"  1 
ATOM   749 H "H3'"  . DG  B 2 12 ? -0.493  14.440  -13.624 1.00 0.00 ? 12 DG  B "H3'"  1 
ATOM   750 H "H2'"  . DG  B 2 12 ? -2.777  13.859  -13.127 1.00 0.00 ? 12 DG  B "H2'"  1 
ATOM   751 H "H2''" . DG  B 2 12 ? -2.639  13.253  -14.807 1.00 0.00 ? 12 DG  B "H2''" 1 
ATOM   752 H "H1'"  . DG  B 2 12 ? -1.926  11.053  -14.033 1.00 0.00 ? 12 DG  B "H1'"  1 
ATOM   753 H H8     . DG  B 2 12 ? -4.312  12.954  -11.570 1.00 0.00 ? 12 DG  B H8     1 
ATOM   754 H H1     . DG  B 2 12 ? -6.239  7.154   -13.564 1.00 0.00 ? 12 DG  B H1     1 
ATOM   755 H H21    . DG  B 2 12 ? -4.748  6.384   -14.971 1.00 0.00 ? 12 DG  B H21    1 
ATOM   756 H H22    . DG  B 2 12 ? -3.278  7.310   -15.294 1.00 0.00 ? 12 DG  B H22    1 
# 
